data_6JG8
#
_entry.id   6JG8
#
_cell.length_a   98.007
_cell.length_b   98.007
_cell.length_c   159.995
_cell.angle_alpha   90.00
_cell.angle_beta   90.00
_cell.angle_gamma   90.00
#
_symmetry.space_group_name_H-M   'P 43'
#
loop_
_entity.id
_entity.type
_entity.pdbx_description
1 polymer 'AimR transcriptional regulator'
2 polymer 'DNA (31-MER)'
3 polymer 'DNA (31-MER)'
4 water water
#
loop_
_entity_poly.entity_id
_entity_poly.type
_entity_poly.pdbx_seq_one_letter_code
_entity_poly.pdbx_strand_id
1 'polypeptide(L)'
;MMELIRIAMKKDLENDNSLMNKWATVAGLKNPNPLYDFLNHDGKTFNEFSSIVNIVKSQYPDREYELMKDYCLNLDVKTK
AARSALEYADANMFFEIEDVLIDSMISCSNMKSKEYGKVYKIHRELSNSVITEFEAVKRLGKLNIKTPEMNSFSRLLLLY
HYLSTGNFSPMAQLIKQIDLSEISENMYIRNTYQTRVHVLMSNIKLNENSLEECREYSKKALESTNILRFQVFSYLTIGN
SLLFSNYELAQENFLKGLSISVQNENYNMIFQQALCFLNNVWRKENKWINFESDSIMDLQEQAHCFINFNENSKAKEVLD
KLDLLVHNDNELAMHYYLKGRLEQNKACFYSSIEYFKKSNDKFLIRLPLLELQKMGENQKLLELLLLLEHHHHHH
;
A,B
2 'polydeoxyribonucleotide'
;(DA)(DC)(DT)(DT)(DA)(DA)(DA)(DT)(DA)(DT)(DT)(DA)(DG)(DG)(DT)(DT)(DT)(DT)(DA)(DA)
(DT)(DA)(DA)(DC)(DA)(DT)(DC)(DT)(DA)(DG)(DT)
;
C
3 'polydeoxyribonucleotide'
;(DA)(DC)(DT)(DA)(DG)(DA)(DT)(DG)(DT)(DT)(DA)(DT)(DT)(DA)(DA)(DA)(DA)(DC)(DC)(DT)
(DA)(DA)(DT)(DA)(DT)(DT)(DT)(DA)(DA)(DG)(DT)
;
D
#
# COMPACT_ATOMS: atom_id res chain seq x y z
N MET A 2 3.74 47.03 13.04
CA MET A 2 5.20 46.94 12.91
C MET A 2 5.79 45.67 13.55
N GLU A 3 6.30 44.78 12.69
CA GLU A 3 6.72 43.44 13.12
C GLU A 3 7.94 43.47 14.05
N LEU A 4 7.94 42.56 15.03
CA LEU A 4 9.02 42.47 16.00
C LEU A 4 10.39 42.42 15.33
N ILE A 5 10.51 41.58 14.29
CA ILE A 5 11.82 41.35 13.69
C ILE A 5 12.40 42.64 13.12
N ARG A 6 11.55 43.49 12.51
CA ARG A 6 11.94 44.83 12.08
C ARG A 6 12.46 45.66 13.26
N ILE A 7 11.69 45.65 14.35
CA ILE A 7 12.10 46.35 15.57
C ILE A 7 13.49 45.91 16.00
N ALA A 8 13.64 44.60 16.20
CA ALA A 8 14.95 44.06 16.58
C ALA A 8 16.03 44.49 15.61
N MET A 9 15.72 44.50 14.30
CA MET A 9 16.72 44.88 13.30
C MET A 9 17.08 46.35 13.39
N LYS A 10 16.08 47.22 13.60
CA LYS A 10 16.35 48.64 13.84
C LYS A 10 17.28 48.83 15.02
N LYS A 11 16.99 48.19 16.16
CA LYS A 11 17.79 48.41 17.37
C LYS A 11 19.20 47.90 17.17
N ASP A 12 19.35 46.67 16.68
CA ASP A 12 20.69 46.13 16.48
C ASP A 12 21.47 46.94 15.44
N LEU A 13 20.76 47.56 14.49
CA LEU A 13 21.43 48.40 13.51
C LEU A 13 21.92 49.70 14.11
N GLU A 14 21.17 50.25 15.06
CA GLU A 14 21.61 51.48 15.69
C GLU A 14 22.91 51.28 16.45
N ASN A 15 23.10 50.11 17.04
CA ASN A 15 24.29 49.80 17.84
C ASN A 15 25.42 49.18 17.03
N ASP A 16 25.15 48.73 15.81
CA ASP A 16 26.19 48.17 14.94
C ASP A 16 25.79 48.50 13.50
N ASN A 17 26.43 49.54 12.94
CA ASN A 17 26.08 50.00 11.60
C ASN A 17 26.61 49.08 10.51
N SER A 18 27.52 48.16 10.86
CA SER A 18 28.07 47.22 9.90
C SER A 18 27.08 46.15 9.47
N LEU A 19 25.95 46.03 10.17
CA LEU A 19 25.03 44.93 9.96
C LEU A 19 24.34 45.00 8.60
N MET A 20 24.13 46.19 8.06
CA MET A 20 23.37 46.32 6.81
C MET A 20 24.05 45.57 5.66
N ASN A 21 25.34 45.78 5.44
CA ASN A 21 26.03 45.03 4.39
C ASN A 21 26.07 43.53 4.69
N LYS A 22 26.11 43.15 5.96
CA LYS A 22 26.21 41.72 6.23
C LYS A 22 24.87 41.03 6.03
N TRP A 23 23.80 41.67 6.50
CA TRP A 23 22.46 41.15 6.24
C TRP A 23 22.20 41.00 4.75
N ALA A 24 22.71 41.94 3.95
CA ALA A 24 22.48 41.88 2.52
C ALA A 24 23.12 40.65 1.89
N THR A 25 24.33 40.26 2.31
CA THR A 25 24.88 39.06 1.72
C THR A 25 24.17 37.83 2.26
N VAL A 26 23.84 37.83 3.55
CA VAL A 26 23.03 36.78 4.14
C VAL A 26 21.73 36.59 3.34
N ALA A 27 21.15 37.68 2.89
CA ALA A 27 19.86 37.65 2.22
C ALA A 27 19.97 37.50 0.71
N GLY A 28 21.18 37.40 0.17
CA GLY A 28 21.33 37.31 -1.27
C GLY A 28 20.95 38.54 -2.07
N LEU A 29 21.07 39.73 -1.50
CA LEU A 29 20.82 40.94 -2.27
C LEU A 29 22.14 41.50 -2.78
N LYS A 30 22.10 42.08 -3.98
CA LYS A 30 23.30 42.70 -4.54
C LYS A 30 23.77 43.86 -3.66
N ASN A 31 22.82 44.65 -3.14
CA ASN A 31 23.07 45.78 -2.26
C ASN A 31 21.91 45.87 -1.29
N PRO A 32 22.11 46.51 -0.10
CA PRO A 32 21.08 46.46 0.94
C PRO A 32 20.02 47.54 0.86
N ASN A 33 19.87 48.21 -0.28
CA ASN A 33 18.76 49.15 -0.41
C ASN A 33 17.41 48.49 -0.14
N PRO A 34 17.11 47.28 -0.63
CA PRO A 34 15.86 46.62 -0.21
C PRO A 34 15.75 46.45 1.29
N LEU A 35 16.87 46.38 2.01
CA LEU A 35 16.77 46.25 3.46
C LEU A 35 16.28 47.54 4.10
N TYR A 36 16.63 48.69 3.52
CA TYR A 36 16.07 49.94 3.99
C TYR A 36 14.57 49.93 3.87
N ASP A 37 14.06 49.67 2.65
CA ASP A 37 12.63 49.55 2.41
C ASP A 37 11.98 48.63 3.41
N PHE A 38 12.59 47.46 3.61
CA PHE A 38 12.06 46.51 4.57
C PHE A 38 11.85 47.13 5.94
N LEU A 39 12.80 47.95 6.42
CA LEU A 39 12.63 48.54 7.74
C LEU A 39 11.69 49.75 7.75
N ASN A 40 11.57 50.49 6.66
CA ASN A 40 10.85 51.76 6.74
C ASN A 40 9.37 51.64 6.39
N HIS A 41 9.00 50.68 5.54
CA HIS A 41 7.66 50.57 4.98
C HIS A 41 6.98 49.30 5.50
N ASP A 42 5.86 49.46 6.20
CA ASP A 42 5.00 48.32 6.50
C ASP A 42 4.59 47.65 5.20
N GLY A 43 4.66 46.31 5.17
CA GLY A 43 4.25 45.54 4.01
C GLY A 43 5.35 45.15 3.04
N LYS A 44 6.59 45.60 3.25
CA LYS A 44 7.70 45.26 2.38
C LYS A 44 8.07 43.78 2.51
N THR A 45 8.07 43.06 1.39
CA THR A 45 8.49 41.67 1.39
C THR A 45 9.59 41.50 0.36
N PHE A 46 10.32 40.39 0.49
CA PHE A 46 11.43 40.09 -0.40
C PHE A 46 10.98 39.10 -1.47
N ASN A 47 11.56 39.26 -2.66
CA ASN A 47 11.27 38.32 -3.74
C ASN A 47 11.36 36.87 -3.28
N GLU A 48 12.26 36.58 -2.34
CA GLU A 48 12.47 35.22 -1.87
C GLU A 48 12.48 35.14 -0.35
N PHE A 49 11.67 34.23 0.18
CA PHE A 49 11.47 34.11 1.63
C PHE A 49 12.76 33.81 2.39
N SER A 50 13.73 33.15 1.75
CA SER A 50 15.00 32.90 2.43
C SER A 50 15.66 34.17 2.93
N SER A 51 15.49 35.29 2.22
CA SER A 51 16.15 36.53 2.62
C SER A 51 15.90 36.84 4.08
N ILE A 52 14.65 36.72 4.53
CA ILE A 52 14.36 37.03 5.92
C ILE A 52 14.66 35.83 6.83
N VAL A 53 14.53 34.61 6.31
CA VAL A 53 14.79 33.44 7.14
C VAL A 53 16.27 33.34 7.48
N ASN A 54 17.11 33.48 6.45
CA ASN A 54 18.56 33.43 6.64
C ASN A 54 19.05 34.57 7.53
N ILE A 55 18.47 35.77 7.38
CA ILE A 55 18.79 36.86 8.31
C ILE A 55 18.43 36.46 9.72
N VAL A 56 17.21 35.97 9.92
CA VAL A 56 16.78 35.62 11.26
C VAL A 56 17.69 34.53 11.82
N LYS A 57 18.03 33.53 11.00
CA LYS A 57 18.89 32.48 11.49
C LYS A 57 20.28 33.00 11.87
N SER A 58 20.77 34.01 11.14
CA SER A 58 22.11 34.53 11.40
C SER A 58 22.15 35.46 12.60
N GLN A 59 21.17 36.34 12.76
CA GLN A 59 21.22 37.35 13.83
C GLN A 59 20.41 36.98 15.05
N TYR A 60 19.41 36.14 14.90
CA TYR A 60 18.50 35.81 16.00
C TYR A 60 18.23 34.32 16.09
N PRO A 61 19.25 33.48 15.98
CA PRO A 61 18.99 32.04 15.97
C PRO A 61 18.17 31.53 17.15
N ASP A 62 18.24 32.20 18.30
CA ASP A 62 17.54 31.74 19.49
C ASP A 62 16.13 32.31 19.59
N ARG A 63 15.68 33.09 18.61
CA ARG A 63 14.33 33.62 18.62
C ARG A 63 13.62 33.32 17.30
N GLU A 64 14.03 32.26 16.60
CA GLU A 64 13.45 31.97 15.29
C GLU A 64 11.95 31.75 15.39
N TYR A 65 11.49 30.91 16.33
CA TYR A 65 10.06 30.67 16.41
C TYR A 65 9.33 31.94 16.79
N GLU A 66 9.82 32.66 17.81
CA GLU A 66 9.15 33.86 18.28
C GLU A 66 8.99 34.86 17.14
N LEU A 67 10.05 35.08 16.38
CA LEU A 67 10.03 36.17 15.42
C LEU A 67 9.33 35.78 14.14
N MET A 68 9.56 34.55 13.67
CA MET A 68 8.90 34.09 12.45
C MET A 68 7.38 33.94 12.63
N LYS A 69 6.94 33.49 13.81
CA LYS A 69 5.51 33.42 14.10
C LYS A 69 4.85 34.79 14.01
N ASP A 70 5.51 35.81 14.56
CA ASP A 70 5.01 37.17 14.46
C ASP A 70 5.03 37.65 13.00
N TYR A 71 6.09 37.30 12.27
CA TYR A 71 6.28 37.80 10.91
C TYR A 71 5.30 37.13 9.96
N CYS A 72 5.22 35.80 9.99
CA CYS A 72 4.30 35.08 9.12
C CYS A 72 2.86 35.50 9.39
N LEU A 73 2.44 35.40 10.65
CA LEU A 73 1.05 35.69 11.02
C LEU A 73 0.64 37.11 10.69
N ASN A 74 1.56 37.93 10.19
CA ASN A 74 1.19 39.27 9.80
C ASN A 74 1.26 39.51 8.30
N LEU A 75 1.80 38.57 7.54
CA LEU A 75 1.87 38.73 6.10
C LEU A 75 0.47 38.87 5.51
N ASP A 76 0.44 39.40 4.30
CA ASP A 76 -0.76 39.37 3.47
C ASP A 76 -0.87 37.98 2.84
N VAL A 77 -1.93 37.24 3.16
CA VAL A 77 -1.98 35.84 2.73
C VAL A 77 -2.16 35.71 1.23
N LYS A 78 -2.53 36.78 0.52
CA LYS A 78 -2.64 36.77 -0.92
C LYS A 78 -1.30 36.98 -1.64
N THR A 79 -0.19 36.60 -1.02
CA THR A 79 1.12 37.07 -1.44
C THR A 79 2.12 35.90 -1.46
N LYS A 80 3.18 36.05 -2.27
CA LYS A 80 4.18 34.98 -2.37
C LYS A 80 5.00 34.82 -1.08
N ALA A 81 5.02 35.82 -0.23
CA ALA A 81 5.65 35.66 1.08
C ALA A 81 4.79 34.80 2.00
N ALA A 82 3.48 34.85 1.80
CA ALA A 82 2.58 33.99 2.57
C ALA A 82 2.70 32.54 2.12
N ARG A 83 2.64 32.31 0.81
CA ARG A 83 2.84 30.97 0.27
C ARG A 83 4.13 30.37 0.78
N SER A 84 5.23 31.11 0.63
CA SER A 84 6.50 30.71 1.23
C SER A 84 6.32 30.44 2.72
N ALA A 85 5.67 31.36 3.44
CA ALA A 85 5.48 31.19 4.88
C ALA A 85 4.74 29.91 5.20
N LEU A 86 3.79 29.52 4.33
CA LEU A 86 3.09 28.26 4.48
C LEU A 86 4.08 27.10 4.56
N GLU A 87 4.82 26.84 3.47
CA GLU A 87 5.78 25.75 3.44
C GLU A 87 6.78 25.84 4.59
N TYR A 88 7.31 27.04 4.84
CA TYR A 88 8.16 27.26 6.02
C TYR A 88 7.50 26.70 7.28
N ALA A 89 6.22 27.01 7.48
CA ALA A 89 5.53 26.56 8.68
C ALA A 89 5.46 25.04 8.73
N ASP A 90 4.98 24.42 7.66
CA ASP A 90 4.91 22.97 7.65
C ASP A 90 6.29 22.35 7.83
N ALA A 91 7.29 22.85 7.10
CA ALA A 91 8.60 22.23 7.10
C ALA A 91 9.22 22.17 8.51
N ASN A 92 9.00 23.21 9.32
CA ASN A 92 9.50 23.22 10.69
C ASN A 92 8.54 22.57 11.66
N MET A 93 7.40 22.08 11.17
CA MET A 93 6.33 21.53 11.98
C MET A 93 5.74 22.58 12.94
N PHE A 94 5.67 23.84 12.49
CA PHE A 94 5.01 24.91 13.25
C PHE A 94 3.54 24.92 12.87
N PHE A 95 2.76 24.06 13.54
CA PHE A 95 1.39 23.83 13.08
C PHE A 95 0.47 25.00 13.44
N GLU A 96 0.76 25.68 14.55
CA GLU A 96 -0.10 26.82 14.90
C GLU A 96 0.05 27.96 13.90
N ILE A 97 1.23 28.10 13.30
CA ILE A 97 1.39 29.06 12.21
C ILE A 97 0.70 28.56 10.95
N GLU A 98 1.03 27.32 10.57
CA GLU A 98 0.54 26.74 9.33
C GLU A 98 -0.98 26.77 9.27
N ASP A 99 -1.63 26.35 10.36
CA ASP A 99 -3.07 26.15 10.31
C ASP A 99 -3.80 27.47 10.18
N VAL A 100 -3.38 28.48 10.94
CA VAL A 100 -3.92 29.83 10.79
C VAL A 100 -3.75 30.32 9.36
N LEU A 101 -2.54 30.16 8.82
CA LEU A 101 -2.31 30.55 7.43
C LEU A 101 -3.26 29.83 6.48
N ILE A 102 -3.64 28.58 6.79
CA ILE A 102 -4.46 27.82 5.86
C ILE A 102 -5.89 28.38 5.82
N ASP A 103 -6.50 28.61 6.98
CA ASP A 103 -7.89 29.07 6.98
C ASP A 103 -8.05 30.38 6.23
N SER A 104 -7.01 31.20 6.20
CA SER A 104 -7.15 32.50 5.56
C SER A 104 -6.85 32.48 4.07
N MET A 105 -6.04 31.53 3.60
CA MET A 105 -5.76 31.42 2.18
C MET A 105 -6.82 30.63 1.42
N ILE A 106 -7.60 29.82 2.14
CA ILE A 106 -8.60 28.99 1.47
C ILE A 106 -9.76 29.83 0.96
N SER A 107 -10.00 30.99 1.58
CA SER A 107 -11.10 31.86 1.21
C SER A 107 -10.63 33.26 0.81
N CYS A 108 -9.35 33.41 0.48
CA CYS A 108 -8.81 34.67 0.01
C CYS A 108 -8.96 34.77 -1.50
N SER A 109 -8.92 36.00 -2.02
CA SER A 109 -9.24 36.22 -3.42
C SER A 109 -8.09 35.89 -4.37
N ASN A 110 -6.94 35.43 -3.87
CA ASN A 110 -5.82 35.14 -4.74
C ASN A 110 -5.88 33.69 -5.19
N MET A 111 -5.88 33.49 -6.52
CA MET A 111 -6.03 32.14 -7.04
C MET A 111 -4.90 31.24 -6.56
N LYS A 112 -3.67 31.75 -6.55
CA LYS A 112 -2.51 30.93 -6.19
C LYS A 112 -2.53 30.60 -4.70
N SER A 113 -2.72 31.60 -3.85
CA SER A 113 -2.82 31.28 -2.43
C SER A 113 -3.98 30.32 -2.16
N LYS A 114 -5.12 30.51 -2.84
CA LYS A 114 -6.23 29.57 -2.69
C LYS A 114 -5.74 28.15 -2.92
N GLU A 115 -5.02 27.93 -4.02
CA GLU A 115 -4.53 26.58 -4.36
C GLU A 115 -3.57 26.03 -3.31
N TYR A 116 -2.56 26.81 -2.91
CA TYR A 116 -1.63 26.35 -1.88
C TYR A 116 -2.39 25.99 -0.61
N GLY A 117 -3.23 26.89 -0.13
CA GLY A 117 -3.90 26.65 1.13
C GLY A 117 -4.72 25.39 1.09
N LYS A 118 -5.34 25.10 -0.05
CA LYS A 118 -6.23 23.96 -0.16
C LYS A 118 -5.46 22.65 -0.21
N VAL A 119 -4.28 22.60 -0.86
CA VAL A 119 -3.56 21.33 -0.82
C VAL A 119 -2.82 21.12 0.49
N TYR A 120 -2.52 22.18 1.24
CA TYR A 120 -1.95 21.95 2.56
C TYR A 120 -3.02 21.56 3.56
N LYS A 121 -4.27 22.02 3.38
CA LYS A 121 -5.35 21.51 4.24
C LYS A 121 -5.50 20.01 4.05
N ILE A 122 -5.46 19.55 2.80
CA ILE A 122 -5.52 18.11 2.54
C ILE A 122 -4.41 17.38 3.27
N HIS A 123 -3.23 18.00 3.34
CA HIS A 123 -2.06 17.33 3.91
C HIS A 123 -2.16 17.24 5.42
N ARG A 124 -2.64 18.31 6.06
CA ARG A 124 -2.89 18.28 7.50
C ARG A 124 -4.01 17.29 7.82
N GLU A 125 -5.15 17.43 7.14
CA GLU A 125 -6.27 16.52 7.34
C GLU A 125 -5.85 15.07 7.11
N LEU A 126 -5.18 14.78 6.01
CA LEU A 126 -4.73 13.42 5.75
C LEU A 126 -3.79 12.92 6.84
N SER A 127 -2.87 13.78 7.29
CA SER A 127 -1.90 13.29 8.25
C SER A 127 -2.44 13.32 9.67
N ASN A 128 -3.54 14.02 9.92
CA ASN A 128 -4.26 13.93 11.18
C ASN A 128 -5.35 12.86 11.19
N SER A 129 -5.50 12.11 10.08
CA SER A 129 -6.47 11.03 9.93
C SER A 129 -7.92 11.55 9.90
N VAL A 130 -8.13 12.79 9.47
CA VAL A 130 -9.47 13.32 9.32
C VAL A 130 -10.10 12.82 8.04
N ILE A 131 -9.29 12.48 7.04
CA ILE A 131 -9.76 11.88 5.80
C ILE A 131 -8.83 10.72 5.46
N THR A 132 -9.29 9.89 4.53
CA THR A 132 -8.45 8.80 4.07
C THR A 132 -7.60 9.26 2.90
N GLU A 133 -6.64 8.42 2.52
CA GLU A 133 -5.84 8.72 1.35
C GLU A 133 -6.68 8.67 0.07
N PHE A 134 -7.68 7.79 0.00
CA PHE A 134 -8.57 7.80 -1.15
C PHE A 134 -9.32 9.13 -1.24
N GLU A 135 -9.86 9.58 -0.11
CA GLU A 135 -10.53 10.88 -0.08
C GLU A 135 -9.54 12.01 -0.39
N ALA A 136 -8.33 11.92 0.14
CA ALA A 136 -7.31 12.96 -0.07
C ALA A 136 -6.95 13.11 -1.53
N VAL A 137 -6.53 12.00 -2.17
CA VAL A 137 -6.10 12.05 -3.57
C VAL A 137 -7.24 12.47 -4.47
N LYS A 138 -8.48 12.10 -4.10
CA LYS A 138 -9.65 12.49 -4.86
C LYS A 138 -9.80 14.01 -4.88
N ARG A 139 -9.51 14.66 -3.74
CA ARG A 139 -9.64 16.12 -3.67
C ARG A 139 -8.54 16.81 -4.46
N LEU A 140 -7.30 16.29 -4.39
CA LEU A 140 -6.23 16.85 -5.19
C LEU A 140 -6.55 16.78 -6.68
N GLY A 141 -7.27 15.72 -7.09
CA GLY A 141 -7.75 15.68 -8.47
C GLY A 141 -8.75 16.77 -8.78
N LYS A 142 -9.68 17.05 -7.85
CA LYS A 142 -10.76 18.00 -8.12
C LYS A 142 -10.27 19.44 -8.05
N LEU A 143 -9.18 19.70 -7.34
CA LEU A 143 -8.59 21.04 -7.35
C LEU A 143 -8.06 21.43 -8.73
N ASN A 144 -7.80 20.46 -9.60
CA ASN A 144 -7.19 20.72 -10.89
C ASN A 144 -5.97 21.62 -10.71
N ILE A 145 -5.01 21.08 -9.94
CA ILE A 145 -3.84 21.85 -9.49
C ILE A 145 -3.11 22.45 -10.69
N LYS A 146 -2.85 23.76 -10.63
CA LYS A 146 -2.20 24.49 -11.72
C LYS A 146 -0.73 24.79 -11.49
N THR A 147 -0.33 25.13 -10.23
CA THR A 147 1.04 25.57 -9.98
C THR A 147 1.99 24.39 -9.91
N PRO A 148 3.16 24.49 -10.54
CA PRO A 148 4.16 23.43 -10.40
C PRO A 148 4.46 23.16 -8.96
N GLU A 149 4.48 24.20 -8.14
CA GLU A 149 4.75 24.01 -6.72
C GLU A 149 3.81 22.99 -6.11
N MET A 150 2.51 23.11 -6.38
CA MET A 150 1.55 22.23 -5.76
C MET A 150 1.43 20.89 -6.46
N ASN A 151 1.69 20.86 -7.78
CA ASN A 151 1.87 19.58 -8.44
C ASN A 151 2.92 18.75 -7.71
N SER A 152 4.06 19.35 -7.38
CA SER A 152 5.05 18.60 -6.63
C SER A 152 4.55 18.27 -5.23
N PHE A 153 3.94 19.23 -4.53
CA PHE A 153 3.59 18.91 -3.14
C PHE A 153 2.46 17.89 -3.03
N SER A 154 1.63 17.73 -4.06
CA SER A 154 0.61 16.70 -3.98
C SER A 154 1.25 15.32 -3.92
N ARG A 155 2.31 15.10 -4.70
CA ARG A 155 3.05 13.86 -4.58
C ARG A 155 3.75 13.76 -3.23
N LEU A 156 4.24 14.89 -2.69
CA LEU A 156 4.98 14.82 -1.44
C LEU A 156 4.07 14.47 -0.27
N LEU A 157 2.86 15.02 -0.24
CA LEU A 157 2.01 14.78 0.93
C LEU A 157 1.50 13.34 0.94
N LEU A 158 1.42 12.71 -0.23
CA LEU A 158 1.15 11.28 -0.28
C LEU A 158 2.35 10.49 0.24
N LEU A 159 3.55 10.83 -0.21
CA LEU A 159 4.75 10.15 0.24
C LEU A 159 4.92 10.19 1.75
N TYR A 160 4.47 11.27 2.41
CA TYR A 160 4.58 11.30 3.86
C TYR A 160 3.55 10.39 4.51
N HIS A 161 2.37 10.26 3.91
CA HIS A 161 1.37 9.34 4.43
C HIS A 161 1.81 7.89 4.22
N TYR A 162 2.23 7.56 2.99
CA TYR A 162 2.91 6.31 2.67
C TYR A 162 4.04 6.00 3.67
N LEU A 163 4.63 7.02 4.30
CA LEU A 163 5.64 6.79 5.34
C LEU A 163 4.98 6.51 6.68
N SER A 164 4.19 7.46 7.19
CA SER A 164 3.59 7.34 8.52
C SER A 164 2.94 5.97 8.71
N THR A 165 1.99 5.62 7.84
CA THR A 165 1.39 4.30 7.90
C THR A 165 2.45 3.21 7.72
N GLY A 166 3.22 3.30 6.63
CA GLY A 166 4.23 2.31 6.39
C GLY A 166 3.89 1.44 5.20
N ASN A 167 3.25 2.03 4.19
CA ASN A 167 3.03 1.34 2.92
C ASN A 167 4.33 1.18 2.15
N PHE A 168 5.26 2.12 2.28
CA PHE A 168 6.67 1.94 1.95
C PHE A 168 7.01 1.40 0.55
N SER A 169 6.08 0.75 -0.12
CA SER A 169 6.47 0.06 -1.35
C SER A 169 6.26 0.92 -2.60
N PRO A 170 5.08 1.48 -2.83
CA PRO A 170 4.90 2.33 -4.03
C PRO A 170 5.59 3.67 -3.91
N MET A 171 6.25 3.90 -2.76
CA MET A 171 7.08 5.07 -2.54
C MET A 171 8.07 5.29 -3.68
N ALA A 172 8.84 4.26 -4.02
CA ALA A 172 9.99 4.47 -4.89
C ALA A 172 9.59 4.84 -6.31
N GLN A 173 8.37 4.50 -6.73
CA GLN A 173 7.92 4.88 -8.05
C GLN A 173 7.19 6.22 -8.05
N LEU A 174 6.50 6.55 -6.96
CA LEU A 174 5.84 7.84 -6.84
C LEU A 174 6.84 8.99 -6.72
N ILE A 175 7.90 8.81 -5.93
CA ILE A 175 8.88 9.89 -5.72
C ILE A 175 9.65 10.17 -6.99
N LYS A 176 9.85 9.15 -7.84
CA LYS A 176 10.56 9.35 -9.09
C LYS A 176 9.78 10.25 -10.03
N GLN A 177 8.45 10.32 -9.85
CA GLN A 177 7.62 11.15 -10.71
C GLN A 177 7.82 12.64 -10.42
N ILE A 178 8.25 12.99 -9.21
CA ILE A 178 8.49 14.38 -8.85
C ILE A 178 9.56 14.96 -9.74
N ASP A 179 9.30 16.17 -10.26
CA ASP A 179 10.25 16.86 -11.12
C ASP A 179 10.33 18.27 -10.55
N LEU A 180 11.29 18.48 -9.64
CA LEU A 180 11.44 19.78 -9.00
C LEU A 180 11.89 20.85 -9.98
N SER A 181 12.58 20.46 -11.06
CA SER A 181 13.06 21.43 -12.04
C SER A 181 11.93 22.18 -12.75
N GLU A 182 10.70 21.73 -12.65
CA GLU A 182 9.59 22.42 -13.28
C GLU A 182 9.11 23.62 -12.49
N ILE A 183 9.75 23.90 -11.36
CA ILE A 183 9.37 25.00 -10.48
C ILE A 183 10.21 26.22 -10.82
N SER A 184 9.54 27.31 -11.17
CA SER A 184 10.23 28.51 -11.57
C SER A 184 9.92 29.71 -10.68
N GLU A 185 8.74 29.77 -10.07
CA GLU A 185 8.35 30.96 -9.33
C GLU A 185 9.05 31.06 -7.97
N ASN A 186 8.91 30.04 -7.11
CA ASN A 186 9.19 30.18 -5.68
C ASN A 186 10.39 29.32 -5.31
N MET A 187 11.59 29.93 -5.37
CA MET A 187 12.81 29.18 -5.15
C MET A 187 12.95 28.68 -3.71
N TYR A 188 12.37 29.36 -2.72
CA TYR A 188 12.45 28.83 -1.36
C TYR A 188 11.74 27.49 -1.27
N ILE A 189 10.50 27.44 -1.78
CA ILE A 189 9.74 26.20 -1.78
C ILE A 189 10.50 25.11 -2.56
N ARG A 190 11.05 25.46 -3.73
CA ARG A 190 11.84 24.51 -4.51
C ARG A 190 12.94 23.89 -3.67
N ASN A 191 13.72 24.72 -2.98
CA ASN A 191 14.88 24.21 -2.26
C ASN A 191 14.50 23.39 -1.03
N THR A 192 13.43 23.76 -0.31
CA THR A 192 13.06 22.92 0.82
C THR A 192 12.37 21.64 0.32
N TYR A 193 11.61 21.72 -0.77
CA TYR A 193 11.08 20.48 -1.36
C TYR A 193 12.20 19.58 -1.80
N GLN A 194 13.33 20.16 -2.23
CA GLN A 194 14.50 19.35 -2.57
C GLN A 194 15.10 18.70 -1.35
N THR A 195 15.19 19.42 -0.24
CA THR A 195 15.61 18.78 1.00
C THR A 195 14.66 17.64 1.34
N ARG A 196 13.36 17.91 1.25
CA ARG A 196 12.34 16.92 1.58
C ARG A 196 12.51 15.63 0.80
N VAL A 197 12.87 15.74 -0.48
CA VAL A 197 13.03 14.58 -1.35
C VAL A 197 14.25 13.77 -0.94
N HIS A 198 15.36 14.47 -0.65
CA HIS A 198 16.54 13.79 -0.11
C HIS A 198 16.18 13.00 1.12
N VAL A 199 15.52 13.65 2.09
CA VAL A 199 15.09 12.98 3.31
C VAL A 199 14.26 11.74 2.99
N LEU A 200 13.24 11.90 2.15
CA LEU A 200 12.39 10.76 1.79
C LEU A 200 13.18 9.68 1.10
N MET A 201 14.06 10.07 0.18
CA MET A 201 14.90 9.10 -0.51
C MET A 201 15.76 8.31 0.47
N SER A 202 16.23 8.96 1.54
CA SER A 202 16.99 8.25 2.56
C SER A 202 16.12 7.20 3.24
N ASN A 203 14.88 7.54 3.58
CA ASN A 203 14.03 6.57 4.25
C ASN A 203 13.62 5.45 3.31
N ILE A 204 13.43 5.73 2.03
CA ILE A 204 13.20 4.65 1.06
C ILE A 204 14.38 3.68 1.09
N LYS A 205 15.60 4.20 0.89
CA LYS A 205 16.77 3.33 0.86
C LYS A 205 17.03 2.70 2.21
N LEU A 206 16.41 3.23 3.28
CA LEU A 206 16.49 2.56 4.57
C LEU A 206 15.72 1.25 4.52
N ASN A 207 14.52 1.28 3.98
CA ASN A 207 13.66 0.10 4.00
C ASN A 207 13.88 -0.80 2.80
N GLU A 208 14.96 -0.59 2.05
CA GLU A 208 15.42 -1.56 1.09
C GLU A 208 16.72 -2.20 1.56
N ASN A 209 17.00 -2.11 2.86
CA ASN A 209 18.31 -2.27 3.49
C ASN A 209 19.47 -1.84 2.59
N SER A 210 19.36 -0.65 2.03
CA SER A 210 20.41 -0.05 1.23
C SER A 210 21.14 1.00 2.09
N LEU A 211 21.81 0.56 3.15
CA LEU A 211 22.20 1.49 4.19
C LEU A 211 23.26 2.51 3.72
N GLU A 212 24.16 2.12 2.81
CA GLU A 212 25.15 3.09 2.35
C GLU A 212 24.52 4.17 1.48
N GLU A 213 23.51 3.81 0.69
CA GLU A 213 22.77 4.81 -0.09
C GLU A 213 21.92 5.69 0.83
N CYS A 214 21.36 5.09 1.88
CA CYS A 214 20.57 5.83 2.87
C CYS A 214 21.41 6.90 3.55
N ARG A 215 22.65 6.59 3.89
CA ARG A 215 23.52 7.60 4.48
C ARG A 215 23.88 8.66 3.48
N GLU A 216 23.96 8.29 2.19
CA GLU A 216 24.28 9.29 1.18
C GLU A 216 23.14 10.28 1.02
N TYR A 217 21.91 9.80 0.91
CA TYR A 217 20.78 10.72 0.77
C TYR A 217 20.60 11.59 2.01
N SER A 218 20.86 11.03 3.19
CA SER A 218 20.79 11.86 4.37
C SER A 218 21.88 12.92 4.33
N LYS A 219 23.06 12.57 3.82
CA LYS A 219 24.13 13.55 3.67
C LYS A 219 23.69 14.71 2.80
N LYS A 220 23.19 14.39 1.60
CA LYS A 220 22.77 15.41 0.64
C LYS A 220 21.70 16.30 1.24
N ALA A 221 20.81 15.72 2.05
CA ALA A 221 19.84 16.52 2.79
C ALA A 221 20.54 17.52 3.69
N LEU A 222 21.46 17.04 4.53
CA LEU A 222 22.14 17.89 5.50
C LEU A 222 22.80 19.07 4.81
N GLU A 223 23.37 18.83 3.63
CA GLU A 223 24.06 19.88 2.91
C GLU A 223 23.10 20.86 2.26
N SER A 224 21.86 20.45 2.03
CA SER A 224 20.90 21.21 1.24
C SER A 224 20.00 22.08 2.09
N THR A 225 20.22 22.11 3.41
CA THR A 225 19.21 22.65 4.31
C THR A 225 19.86 23.34 5.51
N ASN A 226 19.13 24.32 6.05
CA ASN A 226 19.42 24.92 7.34
C ASN A 226 18.23 24.82 8.28
N ILE A 227 17.31 23.89 8.01
CA ILE A 227 16.12 23.68 8.84
C ILE A 227 16.41 22.61 9.89
N LEU A 228 16.25 22.98 11.16
CA LEU A 228 16.58 22.07 12.25
C LEU A 228 15.83 20.74 12.16
N ARG A 229 14.58 20.77 11.68
CA ARG A 229 13.82 19.53 11.55
C ARG A 229 14.55 18.52 10.67
N PHE A 230 14.81 18.87 9.41
CA PHE A 230 15.51 17.97 8.49
C PHE A 230 16.92 17.62 8.95
N GLN A 231 17.56 18.50 9.73
CA GLN A 231 18.89 18.18 10.25
C GLN A 231 18.81 17.16 11.39
N VAL A 232 17.90 17.38 12.34
CA VAL A 232 17.72 16.42 13.42
C VAL A 232 17.47 15.01 12.86
N PHE A 233 16.49 14.87 11.98
CA PHE A 233 16.13 13.54 11.50
C PHE A 233 17.07 13.00 10.46
N SER A 234 17.95 13.83 9.88
CA SER A 234 19.01 13.29 9.04
C SER A 234 20.11 12.64 9.87
N TYR A 235 20.44 13.24 11.03
CA TYR A 235 21.47 12.68 11.88
C TYR A 235 20.97 11.42 12.59
N LEU A 236 19.73 11.48 13.10
CA LEU A 236 19.12 10.30 13.69
C LEU A 236 19.08 9.16 12.68
N THR A 237 18.76 9.48 11.43
CA THR A 237 18.64 8.47 10.40
C THR A 237 20.00 7.81 10.11
N ILE A 238 21.08 8.60 10.12
CA ILE A 238 22.41 8.08 9.82
C ILE A 238 22.93 7.23 10.97
N GLY A 239 22.71 7.66 12.20
CA GLY A 239 23.04 6.85 13.36
C GLY A 239 22.34 5.51 13.36
N ASN A 240 21.00 5.54 13.33
CA ASN A 240 20.22 4.31 13.25
C ASN A 240 20.72 3.41 12.13
N SER A 241 21.08 3.99 10.98
CA SER A 241 21.61 3.17 9.90
C SER A 241 22.90 2.46 10.31
N LEU A 242 23.61 2.98 11.31
CA LEU A 242 24.87 2.40 11.75
C LEU A 242 24.74 1.64 13.07
N LEU A 243 23.59 1.73 13.74
CA LEU A 243 23.50 1.41 15.15
C LEU A 243 23.92 -0.03 15.48
N PHE A 244 23.93 -0.93 14.52
CA PHE A 244 24.27 -2.32 14.80
C PHE A 244 25.60 -2.75 14.18
N SER A 245 26.36 -1.83 13.62
CA SER A 245 27.55 -2.26 12.89
C SER A 245 28.78 -1.46 13.29
N ASN A 246 28.61 -0.19 13.64
CA ASN A 246 29.73 0.71 13.90
C ASN A 246 29.36 1.59 15.09
N TYR A 247 29.76 1.17 16.29
CA TYR A 247 29.33 1.88 17.49
C TYR A 247 29.79 3.32 17.48
N GLU A 248 31.01 3.57 17.01
CA GLU A 248 31.58 4.92 17.12
C GLU A 248 30.92 5.90 16.14
N LEU A 249 30.89 5.57 14.84
CA LEU A 249 30.25 6.47 13.87
C LEU A 249 28.79 6.71 14.22
N ALA A 250 28.13 5.69 14.78
CA ALA A 250 26.76 5.86 15.23
C ALA A 250 26.69 6.93 16.31
N GLN A 251 27.45 6.75 17.39
CA GLN A 251 27.42 7.71 18.48
C GLN A 251 27.79 9.10 17.99
N GLU A 252 28.77 9.18 17.11
CA GLU A 252 29.22 10.48 16.62
C GLU A 252 28.07 11.24 15.98
N ASN A 253 27.20 10.55 15.23
CA ASN A 253 26.06 11.22 14.60
C ASN A 253 24.99 11.56 15.61
N PHE A 254 24.72 10.67 16.57
CA PHE A 254 23.75 10.99 17.61
C PHE A 254 24.23 12.17 18.45
N LEU A 255 25.53 12.19 18.80
CA LEU A 255 26.09 13.30 19.55
C LEU A 255 25.98 14.60 18.77
N LYS A 256 26.34 14.57 17.49
CA LYS A 256 26.21 15.76 16.66
C LYS A 256 24.77 16.26 16.67
N GLY A 257 23.81 15.35 16.54
CA GLY A 257 22.41 15.74 16.59
C GLY A 257 22.03 16.36 17.93
N LEU A 258 22.61 15.84 19.01
CA LEU A 258 22.32 16.38 20.33
C LEU A 258 22.82 17.81 20.46
N SER A 259 23.96 18.13 19.82
CA SER A 259 24.54 19.46 20.02
C SER A 259 23.73 20.53 19.32
N ILE A 260 23.12 20.21 18.18
CA ILE A 260 22.33 21.22 17.51
C ILE A 260 20.93 21.34 18.08
N SER A 261 20.55 20.45 19.00
CA SER A 261 19.19 20.41 19.52
C SER A 261 19.12 20.88 20.97
N VAL A 262 20.18 21.53 21.46
CA VAL A 262 20.31 21.81 22.88
C VAL A 262 19.15 22.66 23.40
N GLN A 263 18.68 23.61 22.60
CA GLN A 263 17.61 24.48 23.06
C GLN A 263 16.23 23.90 22.81
N ASN A 264 16.11 22.76 22.11
CA ASN A 264 14.82 22.15 21.76
C ASN A 264 14.59 20.92 22.62
N GLU A 265 13.56 20.99 23.48
CA GLU A 265 13.26 19.87 24.37
C GLU A 265 13.09 18.57 23.59
N ASN A 266 12.20 18.55 22.60
CA ASN A 266 11.85 17.29 21.95
C ASN A 266 13.03 16.72 21.18
N TYR A 267 13.72 17.55 20.39
CA TYR A 267 14.84 17.03 19.62
C TYR A 267 15.96 16.55 20.54
N ASN A 268 16.11 17.18 21.70
CA ASN A 268 17.14 16.74 22.63
C ASN A 268 16.81 15.38 23.21
N MET A 269 15.55 15.15 23.62
CA MET A 269 15.14 13.87 24.18
C MET A 269 15.40 12.74 23.21
N ILE A 270 15.00 12.93 21.96
CA ILE A 270 15.21 11.94 20.90
C ILE A 270 16.66 11.49 20.87
N PHE A 271 17.58 12.43 21.04
CA PHE A 271 18.98 12.04 20.94
C PHE A 271 19.50 11.46 22.24
N GLN A 272 18.95 11.89 23.39
CA GLN A 272 19.28 11.21 24.64
C GLN A 272 18.82 9.76 24.58
N GLN A 273 17.61 9.53 24.09
CA GLN A 273 17.09 8.17 23.98
C GLN A 273 17.88 7.36 22.97
N ALA A 274 18.32 7.98 21.87
CA ALA A 274 19.09 7.23 20.87
C ALA A 274 20.45 6.85 21.40
N LEU A 275 21.08 7.74 22.17
CA LEU A 275 22.37 7.39 22.77
C LEU A 275 22.18 6.31 23.83
N CYS A 276 21.15 6.45 24.65
CA CYS A 276 20.86 5.45 25.65
C CYS A 276 20.72 4.07 25.02
N PHE A 277 19.85 3.95 24.02
CA PHE A 277 19.66 2.65 23.38
C PHE A 277 20.90 2.18 22.63
N LEU A 278 21.68 3.09 22.05
CA LEU A 278 22.88 2.62 21.34
C LEU A 278 23.84 1.95 22.31
N ASN A 279 24.01 2.53 23.50
CA ASN A 279 24.97 1.97 24.43
C ASN A 279 24.46 0.70 25.06
N ASN A 280 23.15 0.65 25.34
CA ASN A 280 22.54 -0.61 25.75
C ASN A 280 22.74 -1.69 24.70
N VAL A 281 22.58 -1.35 23.43
CA VAL A 281 22.82 -2.35 22.39
C VAL A 281 24.22 -2.90 22.52
N TRP A 282 25.21 -1.99 22.64
CA TRP A 282 26.62 -2.38 22.66
C TRP A 282 27.17 -2.62 24.06
N ARG A 283 26.30 -2.67 25.08
CA ARG A 283 26.66 -3.17 26.41
C ARG A 283 27.79 -2.36 27.03
N LYS A 284 27.75 -1.05 26.86
CA LYS A 284 28.69 -0.14 27.51
C LYS A 284 28.04 0.47 28.75
N GLU A 285 28.88 1.04 29.63
CA GLU A 285 28.37 1.90 30.68
C GLU A 285 27.53 3.00 30.04
N ASN A 286 26.39 3.31 30.65
CA ASN A 286 25.37 4.13 30.00
C ASN A 286 25.13 5.42 30.79
N LYS A 287 25.71 6.53 30.36
CA LYS A 287 25.48 7.79 31.06
C LYS A 287 24.19 8.47 30.64
N TRP A 288 23.38 7.84 29.78
CA TRP A 288 22.19 8.46 29.21
C TRP A 288 20.91 7.89 29.76
N ILE A 289 20.97 7.00 30.75
CA ILE A 289 19.74 6.49 31.34
C ILE A 289 19.00 7.67 31.97
N ASN A 290 17.68 7.54 32.06
CA ASN A 290 16.78 8.55 32.63
C ASN A 290 16.02 7.87 33.77
N PHE A 291 16.47 8.10 35.00
CA PHE A 291 15.93 7.39 36.15
C PHE A 291 14.64 8.02 36.69
N GLU A 292 14.36 9.26 36.32
CA GLU A 292 13.14 9.94 36.74
C GLU A 292 11.97 9.65 35.81
N SER A 293 12.23 9.43 34.54
CA SER A 293 11.17 9.07 33.60
C SER A 293 10.68 7.67 33.87
N ASP A 294 9.37 7.54 34.05
CA ASP A 294 8.66 6.27 34.11
C ASP A 294 7.88 6.01 32.83
N SER A 295 8.36 6.53 31.71
CA SER A 295 7.83 6.12 30.43
C SER A 295 8.36 4.74 30.08
N ILE A 296 7.53 4.00 29.34
CA ILE A 296 7.89 2.62 28.95
C ILE A 296 9.28 2.59 28.34
N MET A 297 9.57 3.52 27.45
CA MET A 297 10.85 3.47 26.74
C MET A 297 12.01 3.71 27.67
N ASP A 298 11.90 4.68 28.58
CA ASP A 298 13.01 4.91 29.48
C ASP A 298 13.11 3.79 30.51
N LEU A 299 11.98 3.27 30.97
CA LEU A 299 12.03 2.15 31.90
C LEU A 299 12.61 0.92 31.22
N GLN A 300 12.17 0.64 29.99
CA GLN A 300 12.74 -0.47 29.24
C GLN A 300 14.26 -0.41 29.23
N GLU A 301 14.83 0.79 29.05
CA GLU A 301 16.27 0.88 28.93
C GLU A 301 16.98 0.74 30.26
N GLN A 302 16.31 1.03 31.37
CA GLN A 302 16.88 0.65 32.66
C GLN A 302 17.00 -0.86 32.78
N ALA A 303 15.91 -1.57 32.47
CA ALA A 303 15.95 -3.02 32.45
C ALA A 303 17.08 -3.52 31.57
N HIS A 304 17.25 -2.91 30.41
CA HIS A 304 18.25 -3.37 29.45
C HIS A 304 19.66 -3.19 30.01
N CYS A 305 19.92 -2.02 30.62
CA CYS A 305 21.22 -1.76 31.22
C CYS A 305 21.51 -2.73 32.37
N PHE A 306 20.56 -2.87 33.29
CA PHE A 306 20.75 -3.78 34.41
C PHE A 306 21.05 -5.20 33.92
N ILE A 307 20.25 -5.70 32.98
CA ILE A 307 20.49 -7.03 32.44
C ILE A 307 21.89 -7.12 31.85
N ASN A 308 22.33 -6.05 31.18
CA ASN A 308 23.67 -6.03 30.60
C ASN A 308 24.71 -6.22 31.67
N PHE A 309 24.49 -5.63 32.84
CA PHE A 309 25.44 -5.64 33.94
C PHE A 309 25.08 -6.64 35.02
N ASN A 310 24.34 -7.68 34.66
CA ASN A 310 24.10 -8.86 35.49
C ASN A 310 23.34 -8.54 36.77
N GLU A 311 22.67 -7.40 36.83
CA GLU A 311 21.83 -7.04 37.98
C GLU A 311 20.39 -7.50 37.77
N ASN A 312 20.25 -8.80 37.45
CA ASN A 312 18.96 -9.39 37.11
C ASN A 312 17.86 -9.02 38.10
N SER A 313 18.20 -8.98 39.40
CA SER A 313 17.19 -8.66 40.40
C SER A 313 16.68 -7.23 40.22
N LYS A 314 17.57 -6.29 39.86
CA LYS A 314 17.17 -4.89 39.68
C LYS A 314 16.39 -4.72 38.40
N ALA A 315 16.63 -5.58 37.42
CA ALA A 315 15.86 -5.54 36.19
C ALA A 315 14.51 -6.20 36.35
N LYS A 316 14.38 -7.16 37.26
CA LYS A 316 13.06 -7.69 37.54
C LYS A 316 12.19 -6.65 38.24
N GLU A 317 12.77 -5.82 39.11
CA GLU A 317 11.98 -4.75 39.71
C GLU A 317 11.42 -3.84 38.63
N VAL A 318 12.26 -3.45 37.66
CA VAL A 318 11.78 -2.60 36.57
C VAL A 318 10.70 -3.31 35.77
N LEU A 319 10.97 -4.55 35.31
CA LEU A 319 9.97 -5.26 34.52
C LEU A 319 8.64 -5.42 35.27
N ASP A 320 8.68 -5.63 36.58
CA ASP A 320 7.42 -5.71 37.33
C ASP A 320 6.63 -4.41 37.20
N LYS A 321 7.31 -3.26 37.25
CA LYS A 321 6.64 -1.97 37.05
C LYS A 321 6.10 -1.86 35.63
N LEU A 322 6.86 -2.34 34.65
CA LEU A 322 6.39 -2.35 33.27
C LEU A 322 5.26 -3.34 33.05
N ASP A 323 5.11 -4.35 33.92
CA ASP A 323 4.10 -5.37 33.67
C ASP A 323 2.69 -4.79 33.78
N LEU A 324 2.51 -3.68 34.50
CA LEU A 324 1.19 -3.10 34.74
C LEU A 324 0.96 -1.82 33.95
N LEU A 325 1.62 -1.68 32.80
CA LEU A 325 1.45 -0.53 31.92
C LEU A 325 1.04 -1.02 30.53
N VAL A 326 0.23 -0.21 29.86
CA VAL A 326 -0.39 -0.62 28.60
C VAL A 326 0.63 -0.55 27.48
N HIS A 327 0.96 -1.70 26.89
CA HIS A 327 1.92 -1.79 25.79
C HIS A 327 1.20 -1.94 24.47
N ASN A 328 1.75 -1.30 23.44
CA ASN A 328 1.29 -1.57 22.09
C ASN A 328 2.10 -2.74 21.54
N ASP A 329 1.97 -3.01 20.25
CA ASP A 329 2.72 -4.11 19.65
C ASP A 329 4.22 -3.86 19.71
N ASN A 330 4.67 -2.67 19.31
CA ASN A 330 6.10 -2.38 19.30
C ASN A 330 6.69 -2.40 20.71
N GLU A 331 5.99 -1.81 21.69
CA GLU A 331 6.45 -1.86 23.07
C GLU A 331 6.51 -3.30 23.58
N LEU A 332 5.45 -4.08 23.35
CA LEU A 332 5.42 -5.47 23.82
C LEU A 332 6.59 -6.28 23.27
N ALA A 333 6.96 -6.08 22.00
CA ALA A 333 8.13 -6.75 21.45
C ALA A 333 9.35 -6.56 22.34
N MET A 334 9.67 -5.30 22.67
CA MET A 334 10.78 -5.02 23.58
C MET A 334 10.63 -5.82 24.86
N HIS A 335 9.46 -5.73 25.49
CA HIS A 335 9.23 -6.44 26.74
C HIS A 335 9.62 -7.92 26.62
N TYR A 336 9.15 -8.59 25.58
CA TYR A 336 9.49 -9.99 25.40
C TYR A 336 10.99 -10.16 25.16
N TYR A 337 11.64 -9.16 24.56
CA TYR A 337 13.09 -9.23 24.43
C TYR A 337 13.74 -9.22 25.80
N LEU A 338 13.40 -8.24 26.63
CA LEU A 338 13.98 -8.12 27.96
C LEU A 338 13.66 -9.35 28.82
N LYS A 339 12.40 -9.80 28.83
CA LYS A 339 12.06 -10.98 29.62
C LYS A 339 12.89 -12.19 29.18
N GLY A 340 13.17 -12.31 27.89
CA GLY A 340 13.85 -13.48 27.40
C GLY A 340 15.30 -13.49 27.80
N ARG A 341 15.96 -12.33 27.68
CA ARG A 341 17.32 -12.16 28.20
C ARG A 341 17.36 -12.40 29.72
N LEU A 342 16.44 -11.76 30.45
CA LEU A 342 16.45 -11.91 31.91
C LEU A 342 16.22 -13.35 32.31
N GLU A 343 15.27 -14.03 31.66
CA GLU A 343 14.89 -15.38 32.03
C GLU A 343 15.67 -16.46 31.30
N GLN A 344 16.44 -16.12 30.27
CA GLN A 344 17.11 -17.11 29.40
C GLN A 344 16.09 -18.14 28.89
N ASN A 345 15.17 -17.63 28.09
CA ASN A 345 13.96 -18.35 27.70
C ASN A 345 13.67 -18.05 26.23
N LYS A 346 13.85 -19.06 25.37
CA LYS A 346 13.74 -18.85 23.93
C LYS A 346 12.33 -18.47 23.51
N ALA A 347 11.30 -18.95 24.22
CA ALA A 347 9.93 -18.66 23.81
C ALA A 347 9.63 -17.17 23.88
N CYS A 348 10.24 -16.46 24.83
CA CYS A 348 10.04 -15.02 24.90
C CYS A 348 10.62 -14.34 23.67
N PHE A 349 11.73 -14.87 23.12
CA PHE A 349 12.32 -14.28 21.92
C PHE A 349 11.44 -14.52 20.70
N TYR A 350 11.00 -15.77 20.51
CA TYR A 350 10.03 -16.05 19.46
C TYR A 350 8.87 -15.07 19.53
N SER A 351 8.35 -14.83 20.73
CA SER A 351 7.26 -13.86 20.87
C SER A 351 7.73 -12.47 20.45
N SER A 352 8.98 -12.13 20.75
CA SER A 352 9.48 -10.79 20.43
C SER A 352 9.60 -10.63 18.91
N ILE A 353 10.19 -11.62 18.25
CA ILE A 353 10.17 -11.66 16.78
C ILE A 353 8.74 -11.56 16.27
N GLU A 354 7.81 -12.21 16.97
CA GLU A 354 6.42 -12.17 16.54
C GLU A 354 5.90 -10.75 16.58
N TYR A 355 6.03 -10.07 17.73
CA TYR A 355 5.51 -8.72 17.85
C TYR A 355 6.37 -7.69 17.14
N PHE A 356 7.61 -8.03 16.78
CA PHE A 356 8.38 -7.16 15.91
C PHE A 356 7.87 -7.21 14.48
N LYS A 357 7.49 -8.40 13.99
CA LYS A 357 6.90 -8.46 12.67
C LYS A 357 5.44 -7.99 12.64
N LYS A 358 4.79 -7.89 13.81
CA LYS A 358 3.42 -7.40 13.89
C LYS A 358 3.32 -5.88 13.80
N SER A 359 4.44 -5.18 14.00
CA SER A 359 4.48 -3.74 13.75
C SER A 359 5.35 -3.42 12.54
N ASN A 360 5.74 -4.43 11.77
CA ASN A 360 6.61 -4.27 10.61
C ASN A 360 7.88 -3.49 10.97
N ASP A 361 8.55 -3.97 12.02
CA ASP A 361 9.84 -3.46 12.46
C ASP A 361 10.91 -4.43 11.95
N LYS A 362 11.54 -4.09 10.82
CA LYS A 362 12.72 -4.81 10.34
C LYS A 362 14.00 -4.21 10.88
N PHE A 363 13.95 -3.53 12.02
CA PHE A 363 15.12 -2.89 12.62
C PHE A 363 15.43 -3.48 13.99
N LEU A 364 14.64 -3.16 15.01
CA LEU A 364 14.86 -3.65 16.36
C LEU A 364 14.66 -5.15 16.50
N ILE A 365 14.13 -5.82 15.46
CA ILE A 365 14.00 -7.27 15.47
C ILE A 365 15.35 -7.97 15.52
N ARG A 366 16.44 -7.23 15.24
CA ARG A 366 17.75 -7.84 15.35
C ARG A 366 18.03 -8.28 16.78
N LEU A 367 17.43 -7.58 17.75
CA LEU A 367 17.67 -7.91 19.16
C LEU A 367 17.40 -9.37 19.46
N PRO A 368 16.19 -9.92 19.25
CA PRO A 368 15.99 -11.34 19.57
C PRO A 368 16.81 -12.25 18.68
N LEU A 369 16.93 -11.93 17.39
CA LEU A 369 17.69 -12.77 16.48
C LEU A 369 19.13 -12.92 16.93
N LEU A 370 19.73 -11.83 17.43
CA LEU A 370 21.10 -11.92 17.93
C LEU A 370 21.16 -12.85 19.12
N GLU A 371 20.18 -12.75 20.03
CA GLU A 371 20.21 -13.59 21.23
C GLU A 371 20.10 -15.07 20.87
N LEU A 372 19.26 -15.43 19.90
CA LEU A 372 19.13 -16.84 19.53
C LEU A 372 20.38 -17.35 18.82
N GLN A 373 21.06 -16.49 18.04
CA GLN A 373 22.33 -16.92 17.48
C GLN A 373 23.35 -17.18 18.58
N LYS A 374 23.30 -16.38 19.66
CA LYS A 374 24.16 -16.63 20.81
C LYS A 374 23.83 -17.99 21.44
N MET A 375 22.55 -18.36 21.45
CA MET A 375 22.09 -19.56 22.11
C MET A 375 22.15 -20.83 21.24
N GLY A 376 22.73 -20.74 20.05
CA GLY A 376 22.97 -21.92 19.24
C GLY A 376 22.01 -22.16 18.09
N GLU A 377 21.15 -21.21 17.76
CA GLU A 377 20.17 -21.52 16.74
C GLU A 377 20.78 -21.43 15.34
N ASN A 378 20.00 -21.88 14.36
CA ASN A 378 20.45 -21.92 12.96
C ASN A 378 20.61 -20.50 12.44
N GLN A 379 21.85 -20.09 12.17
CA GLN A 379 22.06 -18.73 11.68
C GLN A 379 21.43 -18.53 10.30
N LYS A 380 21.48 -19.56 9.44
CA LYS A 380 20.84 -19.47 8.14
C LYS A 380 19.33 -19.22 8.28
N LEU A 381 18.71 -19.71 9.36
CA LEU A 381 17.28 -19.51 9.56
C LEU A 381 16.96 -18.10 10.02
N LEU A 382 17.67 -17.58 11.05
CA LEU A 382 17.32 -16.24 11.49
C LEU A 382 17.88 -15.15 10.59
N GLU A 383 18.78 -15.48 9.67
CA GLU A 383 19.04 -14.58 8.54
C GLU A 383 17.77 -14.39 7.71
N LEU A 384 17.00 -15.47 7.52
CA LEU A 384 15.80 -15.39 6.69
C LEU A 384 14.70 -14.58 7.36
N LEU A 385 14.61 -14.63 8.68
CA LEU A 385 13.65 -13.82 9.42
C LEU A 385 13.80 -12.32 9.17
N LEU A 386 14.88 -11.89 8.52
CA LEU A 386 15.12 -10.46 8.25
C LEU A 386 14.72 -10.06 6.84
N LEU A 387 13.59 -10.55 6.33
CA LEU A 387 13.20 -10.25 4.97
C LEU A 387 11.70 -9.94 4.85
N MET B 1 -31.31 -3.82 -37.95
CA MET B 1 -30.66 -5.11 -37.73
C MET B 1 -31.39 -5.88 -36.62
N MET B 2 -31.64 -7.17 -36.80
CA MET B 2 -32.19 -7.96 -35.70
C MET B 2 -31.09 -8.78 -35.04
N GLU B 3 -31.09 -8.75 -33.71
CA GLU B 3 -30.05 -9.40 -32.92
C GLU B 3 -30.23 -10.92 -32.93
N LEU B 4 -29.14 -11.63 -32.71
CA LEU B 4 -29.21 -13.09 -32.83
C LEU B 4 -30.15 -13.67 -31.79
N ILE B 5 -30.16 -13.10 -30.58
CA ILE B 5 -31.00 -13.65 -29.52
C ILE B 5 -32.47 -13.55 -29.89
N ARG B 6 -32.84 -12.50 -30.64
CA ARG B 6 -34.23 -12.38 -31.07
C ARG B 6 -34.58 -13.37 -32.17
N ILE B 7 -33.67 -13.56 -33.13
CA ILE B 7 -33.90 -14.59 -34.14
C ILE B 7 -34.05 -15.95 -33.45
N ALA B 8 -33.12 -16.28 -32.57
CA ALA B 8 -33.17 -17.54 -31.85
C ALA B 8 -34.52 -17.72 -31.15
N MET B 9 -34.93 -16.74 -30.35
CA MET B 9 -36.14 -16.89 -29.56
C MET B 9 -37.37 -17.02 -30.45
N LYS B 10 -37.42 -16.28 -31.56
CA LYS B 10 -38.51 -16.47 -32.51
C LYS B 10 -38.58 -17.92 -33.01
N LYS B 11 -37.45 -18.49 -33.46
CA LYS B 11 -37.46 -19.85 -33.96
C LYS B 11 -37.86 -20.82 -32.86
N ASP B 12 -37.27 -20.68 -31.68
CA ASP B 12 -37.59 -21.62 -30.59
C ASP B 12 -39.03 -21.50 -30.16
N LEU B 13 -39.58 -20.30 -30.21
CA LEU B 13 -40.97 -20.10 -29.85
C LEU B 13 -41.89 -20.77 -30.86
N GLU B 14 -41.58 -20.68 -32.16
CA GLU B 14 -42.39 -21.34 -33.18
C GLU B 14 -42.47 -22.84 -32.90
N ASN B 15 -41.35 -23.48 -32.59
CA ASN B 15 -41.33 -24.90 -32.31
C ASN B 15 -41.80 -25.24 -30.90
N ASP B 16 -42.04 -24.24 -30.05
CA ASP B 16 -42.45 -24.53 -28.68
C ASP B 16 -43.13 -23.27 -28.12
N ASN B 17 -44.46 -23.24 -28.21
CA ASN B 17 -45.22 -22.07 -27.74
C ASN B 17 -45.25 -21.94 -26.22
N SER B 18 -44.84 -22.98 -25.48
CA SER B 18 -44.89 -22.82 -24.03
C SER B 18 -43.80 -21.89 -23.50
N LEU B 19 -42.87 -21.47 -24.35
CA LEU B 19 -41.68 -20.75 -23.90
C LEU B 19 -42.00 -19.35 -23.41
N MET B 20 -43.06 -18.73 -23.91
CA MET B 20 -43.29 -17.33 -23.57
C MET B 20 -43.58 -17.17 -22.08
N ASN B 21 -44.51 -17.96 -21.54
CA ASN B 21 -44.76 -17.88 -20.11
C ASN B 21 -43.50 -18.18 -19.31
N LYS B 22 -42.68 -19.13 -19.78
CA LYS B 22 -41.49 -19.56 -19.04
C LYS B 22 -40.37 -18.54 -19.12
N TRP B 23 -40.21 -17.88 -20.27
CA TRP B 23 -39.27 -16.77 -20.35
C TRP B 23 -39.71 -15.62 -19.46
N ALA B 24 -41.01 -15.42 -19.30
CA ALA B 24 -41.42 -14.28 -18.52
C ALA B 24 -41.08 -14.48 -17.05
N THR B 25 -41.16 -15.72 -16.53
CA THR B 25 -40.74 -15.92 -15.14
C THR B 25 -39.25 -15.75 -14.98
N VAL B 26 -38.46 -16.30 -15.92
CA VAL B 26 -37.00 -16.17 -15.88
C VAL B 26 -36.59 -14.71 -15.93
N ALA B 27 -37.41 -13.87 -16.54
CA ALA B 27 -37.10 -12.47 -16.77
C ALA B 27 -37.68 -11.56 -15.71
N GLY B 28 -38.30 -12.10 -14.66
CA GLY B 28 -38.91 -11.22 -13.64
C GLY B 28 -40.19 -10.48 -14.03
N LEU B 29 -40.79 -10.76 -15.18
CA LEU B 29 -41.96 -10.02 -15.67
C LEU B 29 -43.27 -10.60 -15.14
N LYS B 30 -44.28 -9.74 -14.96
CA LYS B 30 -45.55 -10.20 -14.40
C LYS B 30 -46.35 -11.00 -15.41
N ASN B 31 -46.25 -10.64 -16.68
CA ASN B 31 -46.73 -11.43 -17.81
C ASN B 31 -45.86 -11.11 -19.00
N PRO B 32 -45.89 -11.94 -20.05
CA PRO B 32 -44.88 -11.84 -21.10
C PRO B 32 -45.11 -10.76 -22.14
N ASN B 33 -46.01 -9.82 -21.94
CA ASN B 33 -46.28 -8.85 -22.99
C ASN B 33 -45.04 -8.05 -23.39
N PRO B 34 -44.19 -7.55 -22.48
CA PRO B 34 -42.90 -6.98 -22.91
C PRO B 34 -42.10 -7.91 -23.81
N LEU B 35 -42.28 -9.24 -23.67
CA LEU B 35 -41.50 -10.16 -24.49
C LEU B 35 -41.97 -10.17 -25.95
N TYR B 36 -43.25 -9.90 -26.21
CA TYR B 36 -43.64 -9.63 -27.59
C TYR B 36 -42.93 -8.38 -28.10
N ASP B 37 -43.12 -7.27 -27.39
CA ASP B 37 -42.38 -6.04 -27.70
C ASP B 37 -40.93 -6.36 -28.01
N PHE B 38 -40.29 -7.12 -27.14
CA PHE B 38 -38.85 -7.35 -27.29
C PHE B 38 -38.54 -8.01 -28.64
N LEU B 39 -39.28 -9.05 -28.99
CA LEU B 39 -39.02 -9.76 -30.24
C LEU B 39 -39.34 -8.91 -31.45
N ASN B 40 -40.44 -8.15 -31.40
CA ASN B 40 -40.93 -7.48 -32.58
C ASN B 40 -40.37 -6.08 -32.80
N HIS B 41 -40.03 -5.34 -31.73
CA HIS B 41 -39.61 -3.94 -31.82
C HIS B 41 -38.12 -3.80 -31.62
N ASP B 42 -37.39 -3.46 -32.68
CA ASP B 42 -36.00 -3.06 -32.55
C ASP B 42 -35.83 -2.00 -31.46
N GLY B 43 -34.80 -2.17 -30.63
CA GLY B 43 -34.53 -1.21 -29.58
C GLY B 43 -35.19 -1.47 -28.25
N LYS B 44 -36.20 -2.31 -28.22
CA LYS B 44 -36.87 -2.64 -26.97
C LYS B 44 -35.89 -3.30 -26.02
N THR B 45 -35.69 -2.68 -24.87
CA THR B 45 -34.90 -3.26 -23.80
C THR B 45 -35.81 -3.48 -22.60
N PHE B 46 -35.34 -4.29 -21.66
CA PHE B 46 -36.04 -4.48 -20.40
C PHE B 46 -35.44 -3.55 -19.35
N ASN B 47 -36.22 -3.33 -18.29
CA ASN B 47 -35.81 -2.37 -17.28
C ASN B 47 -34.53 -2.80 -16.55
N GLU B 48 -34.39 -4.09 -16.26
CA GLU B 48 -33.18 -4.68 -15.70
C GLU B 48 -32.52 -5.63 -16.69
N PHE B 49 -31.18 -5.59 -16.71
CA PHE B 49 -30.38 -6.37 -17.65
C PHE B 49 -30.40 -7.86 -17.36
N SER B 50 -30.76 -8.27 -16.15
CA SER B 50 -30.81 -9.69 -15.83
C SER B 50 -31.93 -10.40 -16.56
N SER B 51 -32.91 -9.65 -17.10
CA SER B 51 -34.00 -10.29 -17.82
C SER B 51 -33.49 -10.96 -19.07
N ILE B 52 -32.61 -10.29 -19.82
CA ILE B 52 -32.05 -10.92 -21.00
C ILE B 52 -30.87 -11.83 -20.65
N VAL B 53 -30.18 -11.57 -19.54
CA VAL B 53 -29.06 -12.42 -19.18
C VAL B 53 -29.58 -13.78 -18.71
N ASN B 54 -30.64 -13.79 -17.91
CA ASN B 54 -31.09 -15.07 -17.39
C ASN B 54 -31.82 -15.87 -18.45
N ILE B 55 -32.43 -15.20 -19.44
CA ILE B 55 -33.03 -15.91 -20.56
C ILE B 55 -31.96 -16.54 -21.42
N VAL B 56 -30.89 -15.80 -21.68
CA VAL B 56 -29.80 -16.38 -22.45
C VAL B 56 -29.18 -17.54 -21.69
N LYS B 57 -29.03 -17.38 -20.37
CA LYS B 57 -28.35 -18.39 -19.57
C LYS B 57 -29.20 -19.65 -19.39
N SER B 58 -30.50 -19.56 -19.68
CA SER B 58 -31.44 -20.65 -19.47
C SER B 58 -31.78 -21.36 -20.77
N GLN B 59 -31.91 -20.62 -21.89
CA GLN B 59 -32.23 -21.20 -23.19
C GLN B 59 -31.01 -21.55 -24.00
N TYR B 60 -29.99 -20.72 -23.91
CA TYR B 60 -28.83 -20.92 -24.73
C TYR B 60 -27.56 -20.81 -23.90
N PRO B 61 -27.40 -21.62 -22.85
CA PRO B 61 -26.18 -21.51 -22.04
C PRO B 61 -24.91 -21.69 -22.84
N ASP B 62 -24.92 -22.58 -23.83
CA ASP B 62 -23.69 -22.83 -24.56
C ASP B 62 -23.35 -21.72 -25.54
N ARG B 63 -24.20 -20.73 -25.72
CA ARG B 63 -23.94 -19.67 -26.68
C ARG B 63 -23.89 -18.29 -26.03
N GLU B 64 -23.79 -18.21 -24.69
CA GLU B 64 -23.96 -16.93 -24.02
C GLU B 64 -23.06 -15.87 -24.63
N TYR B 65 -21.76 -16.15 -24.77
CA TYR B 65 -20.87 -15.13 -25.31
C TYR B 65 -21.32 -14.66 -26.70
N GLU B 66 -21.56 -15.61 -27.63
CA GLU B 66 -21.90 -15.26 -29.00
C GLU B 66 -23.13 -14.37 -29.07
N LEU B 67 -24.17 -14.70 -28.30
CA LEU B 67 -25.39 -13.92 -28.36
C LEU B 67 -25.26 -12.62 -27.59
N MET B 68 -24.58 -12.64 -26.45
CA MET B 68 -24.45 -11.43 -25.66
C MET B 68 -23.51 -10.44 -26.32
N LYS B 69 -22.46 -10.94 -26.99
CA LYS B 69 -21.59 -10.04 -27.73
C LYS B 69 -22.36 -9.35 -28.84
N ASP B 70 -23.19 -10.11 -29.55
CA ASP B 70 -24.00 -9.54 -30.62
C ASP B 70 -25.06 -8.60 -30.07
N TYR B 71 -25.66 -8.97 -28.93
CA TYR B 71 -26.68 -8.13 -28.30
C TYR B 71 -26.07 -6.81 -27.78
N CYS B 72 -25.01 -6.89 -26.98
CA CYS B 72 -24.46 -5.69 -26.35
C CYS B 72 -23.93 -4.70 -27.39
N LEU B 73 -23.34 -5.22 -28.47
CA LEU B 73 -22.67 -4.38 -29.45
C LEU B 73 -23.64 -3.71 -30.42
N ASN B 74 -24.94 -3.96 -30.29
CA ASN B 74 -25.93 -3.19 -31.04
C ASN B 74 -26.84 -2.44 -30.10
N LEU B 75 -26.52 -2.42 -28.82
CA LEU B 75 -27.24 -1.57 -27.89
C LEU B 75 -26.95 -0.11 -28.21
N ASP B 76 -27.97 0.74 -28.10
CA ASP B 76 -27.75 2.17 -28.03
C ASP B 76 -27.01 2.45 -26.74
N VAL B 77 -25.84 3.10 -26.81
CA VAL B 77 -25.06 3.25 -25.58
C VAL B 77 -25.65 4.25 -24.63
N LYS B 78 -26.62 5.05 -25.07
CA LYS B 78 -27.15 6.09 -24.21
C LYS B 78 -28.10 5.57 -23.15
N THR B 79 -28.27 4.26 -23.02
CA THR B 79 -29.37 3.69 -22.26
C THR B 79 -28.88 2.96 -21.01
N LYS B 80 -29.80 2.80 -20.06
CA LYS B 80 -29.51 1.99 -18.87
C LYS B 80 -29.10 0.58 -19.26
N ALA B 81 -29.76 0.01 -20.28
CA ALA B 81 -29.37 -1.31 -20.75
C ALA B 81 -27.88 -1.37 -21.05
N ALA B 82 -27.33 -0.33 -21.66
CA ALA B 82 -25.94 -0.41 -22.09
C ALA B 82 -25.00 -0.17 -20.92
N ARG B 83 -25.33 0.78 -20.04
CA ARG B 83 -24.61 0.83 -18.78
C ARG B 83 -24.57 -0.55 -18.15
N SER B 84 -25.71 -1.22 -18.07
CA SER B 84 -25.73 -2.59 -17.58
C SER B 84 -24.74 -3.47 -18.34
N ALA B 85 -24.67 -3.34 -19.68
CA ALA B 85 -23.81 -4.22 -20.47
C ALA B 85 -22.32 -4.00 -20.16
N LEU B 86 -21.94 -2.79 -19.73
CA LEU B 86 -20.56 -2.50 -19.36
C LEU B 86 -20.10 -3.38 -18.20
N GLU B 87 -20.81 -3.29 -17.08
CA GLU B 87 -20.54 -4.16 -15.95
C GLU B 87 -20.68 -5.64 -16.32
N TYR B 88 -21.67 -5.99 -17.14
CA TYR B 88 -21.76 -7.36 -17.62
C TYR B 88 -20.42 -7.79 -18.24
N ALA B 89 -19.91 -6.99 -19.17
CA ALA B 89 -18.71 -7.39 -19.90
C ALA B 89 -17.50 -7.45 -18.98
N ASP B 90 -17.32 -6.41 -18.14
CA ASP B 90 -16.21 -6.40 -17.19
C ASP B 90 -16.26 -7.59 -16.26
N ALA B 91 -17.43 -7.89 -15.69
CA ALA B 91 -17.54 -8.97 -14.72
C ALA B 91 -17.12 -10.30 -15.33
N ASN B 92 -17.59 -10.60 -16.55
CA ASN B 92 -17.19 -11.82 -17.24
C ASN B 92 -15.82 -11.72 -17.92
N MET B 93 -15.11 -10.60 -17.75
CA MET B 93 -13.80 -10.38 -18.38
C MET B 93 -13.87 -10.48 -19.90
N PHE B 94 -14.99 -10.07 -20.50
CA PHE B 94 -15.14 -9.95 -21.95
C PHE B 94 -14.59 -8.59 -22.38
N PHE B 95 -13.26 -8.50 -22.45
CA PHE B 95 -12.65 -7.19 -22.63
C PHE B 95 -12.90 -6.60 -24.02
N GLU B 96 -13.13 -7.43 -25.06
CA GLU B 96 -13.43 -6.86 -26.38
C GLU B 96 -14.79 -6.20 -26.42
N ILE B 97 -15.74 -6.68 -25.61
CA ILE B 97 -17.03 -5.99 -25.47
C ILE B 97 -16.87 -4.78 -24.58
N GLU B 98 -16.17 -4.95 -23.46
CA GLU B 98 -16.03 -3.86 -22.49
C GLU B 98 -15.40 -2.63 -23.13
N ASP B 99 -14.32 -2.83 -23.89
CA ASP B 99 -13.56 -1.67 -24.39
C ASP B 99 -14.28 -0.97 -25.54
N VAL B 100 -15.03 -1.70 -26.37
CA VAL B 100 -15.79 -1.03 -27.42
C VAL B 100 -16.88 -0.16 -26.81
N LEU B 101 -17.59 -0.70 -25.81
CA LEU B 101 -18.61 0.09 -25.12
C LEU B 101 -18.04 1.35 -24.51
N ILE B 102 -16.90 1.20 -23.82
CA ILE B 102 -16.28 2.31 -23.11
C ILE B 102 -16.03 3.49 -24.05
N ASP B 103 -15.45 3.23 -25.22
CA ASP B 103 -15.08 4.34 -26.10
C ASP B 103 -16.30 4.99 -26.73
N SER B 104 -17.38 4.23 -26.93
CA SER B 104 -18.61 4.85 -27.39
C SER B 104 -19.23 5.70 -26.29
N MET B 105 -19.11 5.27 -25.05
CA MET B 105 -19.84 5.92 -23.98
C MET B 105 -19.13 7.18 -23.53
N ILE B 106 -17.84 7.28 -23.79
CA ILE B 106 -17.05 8.40 -23.30
C ILE B 106 -17.32 9.67 -24.10
N SER B 107 -17.73 9.52 -25.36
CA SER B 107 -18.02 10.66 -26.21
C SER B 107 -19.50 10.82 -26.48
N CYS B 108 -20.34 10.05 -25.80
CA CYS B 108 -21.76 10.11 -26.07
C CYS B 108 -22.40 11.22 -25.23
N SER B 109 -23.62 11.61 -25.61
CA SER B 109 -24.23 12.80 -25.04
C SER B 109 -25.06 12.54 -23.80
N ASN B 110 -25.09 11.32 -23.29
CA ASN B 110 -25.86 11.01 -22.09
C ASN B 110 -24.95 11.09 -20.88
N MET B 111 -25.29 11.99 -19.94
CA MET B 111 -24.37 12.25 -18.85
C MET B 111 -24.10 10.99 -18.01
N LYS B 112 -25.13 10.22 -17.70
CA LYS B 112 -24.91 8.96 -16.98
C LYS B 112 -23.97 8.03 -17.74
N SER B 113 -24.26 7.75 -19.02
CA SER B 113 -23.44 6.82 -19.78
C SER B 113 -21.99 7.27 -19.83
N LYS B 114 -21.76 8.55 -20.15
CA LYS B 114 -20.42 9.12 -20.12
C LYS B 114 -19.75 8.86 -18.77
N GLU B 115 -20.45 9.14 -17.65
CA GLU B 115 -19.83 8.91 -16.35
C GLU B 115 -19.48 7.44 -16.13
N TYR B 116 -20.36 6.51 -16.53
CA TYR B 116 -20.06 5.09 -16.35
C TYR B 116 -18.83 4.70 -17.14
N GLY B 117 -18.84 4.96 -18.45
CA GLY B 117 -17.69 4.62 -19.26
C GLY B 117 -16.41 5.21 -18.70
N LYS B 118 -16.47 6.47 -18.26
CA LYS B 118 -15.25 7.16 -17.87
C LYS B 118 -14.58 6.52 -16.67
N VAL B 119 -15.35 6.15 -15.63
CA VAL B 119 -14.66 5.50 -14.52
C VAL B 119 -14.29 4.07 -14.91
N TYR B 120 -15.05 3.44 -15.82
CA TYR B 120 -14.66 2.09 -16.24
C TYR B 120 -13.38 2.11 -17.08
N LYS B 121 -13.17 3.16 -17.89
CA LYS B 121 -11.90 3.27 -18.59
C LYS B 121 -10.76 3.38 -17.57
N ILE B 122 -10.95 4.20 -16.54
CA ILE B 122 -9.95 4.36 -15.48
C ILE B 122 -9.56 3.01 -14.92
N HIS B 123 -10.56 2.15 -14.66
CA HIS B 123 -10.29 0.84 -14.08
C HIS B 123 -9.50 -0.05 -15.03
N ARG B 124 -9.79 0.05 -16.34
CA ARG B 124 -9.02 -0.73 -17.31
C ARG B 124 -7.58 -0.25 -17.36
N GLU B 125 -7.41 1.06 -17.50
CA GLU B 125 -6.08 1.66 -17.55
C GLU B 125 -5.28 1.35 -16.29
N LEU B 126 -5.89 1.50 -15.12
CA LEU B 126 -5.15 1.17 -13.89
C LEU B 126 -4.77 -0.32 -13.88
N SER B 127 -5.72 -1.19 -14.20
CA SER B 127 -5.45 -2.61 -14.08
C SER B 127 -4.57 -3.16 -15.20
N ASN B 128 -4.38 -2.40 -16.29
CA ASN B 128 -3.37 -2.68 -17.30
C ASN B 128 -2.09 -1.86 -17.11
N SER B 129 -1.95 -1.19 -15.97
CA SER B 129 -0.74 -0.43 -15.64
C SER B 129 -0.40 0.60 -16.72
N VAL B 130 -1.43 1.16 -17.33
CA VAL B 130 -1.27 2.28 -18.26
C VAL B 130 -1.24 3.62 -17.53
N ILE B 131 -1.71 3.66 -16.30
CA ILE B 131 -1.68 4.82 -15.43
C ILE B 131 -1.33 4.32 -14.04
N THR B 132 -1.24 5.24 -13.09
CA THR B 132 -0.91 4.88 -11.73
C THR B 132 -2.12 5.06 -10.85
N GLU B 133 -2.17 4.24 -9.80
CA GLU B 133 -3.10 4.46 -8.70
C GLU B 133 -3.19 5.95 -8.39
N PHE B 134 -2.06 6.66 -8.37
CA PHE B 134 -2.14 8.10 -8.09
C PHE B 134 -2.87 8.83 -9.21
N GLU B 135 -2.48 8.60 -10.45
CA GLU B 135 -3.18 9.26 -11.55
C GLU B 135 -4.65 8.85 -11.57
N ALA B 136 -4.94 7.60 -11.22
CA ALA B 136 -6.29 7.08 -11.45
C ALA B 136 -7.28 7.68 -10.47
N VAL B 137 -6.92 7.76 -9.19
CA VAL B 137 -7.81 8.31 -8.18
C VAL B 137 -7.99 9.82 -8.39
N LYS B 138 -6.96 10.49 -8.90
CA LYS B 138 -7.10 11.88 -9.30
C LYS B 138 -8.23 12.02 -10.31
N ARG B 139 -8.15 11.29 -11.42
CA ARG B 139 -9.17 11.35 -12.45
C ARG B 139 -10.55 11.03 -11.88
N LEU B 140 -10.61 10.16 -10.87
CA LEU B 140 -11.87 9.86 -10.21
C LEU B 140 -12.38 11.08 -9.45
N GLY B 141 -11.51 11.77 -8.72
CA GLY B 141 -11.89 13.02 -8.09
C GLY B 141 -12.33 14.04 -9.12
N LYS B 142 -11.60 14.12 -10.24
CA LYS B 142 -11.85 15.14 -11.25
C LYS B 142 -13.21 14.95 -11.92
N LEU B 143 -13.65 13.69 -12.05
CA LEU B 143 -14.94 13.41 -12.68
C LEU B 143 -16.13 13.94 -11.89
N ASN B 144 -15.96 14.24 -10.61
CA ASN B 144 -17.06 14.63 -9.73
C ASN B 144 -18.23 13.66 -9.91
N ILE B 145 -17.99 12.43 -9.43
CA ILE B 145 -18.93 11.33 -9.64
C ILE B 145 -20.29 11.65 -9.05
N LYS B 146 -21.34 11.47 -9.85
CA LYS B 146 -22.73 11.70 -9.45
C LYS B 146 -23.49 10.43 -9.11
N THR B 147 -23.31 9.35 -9.85
CA THR B 147 -24.19 8.21 -9.66
C THR B 147 -23.73 7.36 -8.49
N PRO B 148 -24.64 6.84 -7.66
CA PRO B 148 -24.21 5.86 -6.65
C PRO B 148 -23.45 4.68 -7.24
N GLU B 149 -23.81 4.28 -8.45
CA GLU B 149 -23.18 3.10 -9.04
C GLU B 149 -21.70 3.33 -9.22
N MET B 150 -21.31 4.47 -9.78
CA MET B 150 -19.89 4.72 -9.96
C MET B 150 -19.20 5.13 -8.65
N ASN B 151 -19.93 5.71 -7.71
CA ASN B 151 -19.36 5.90 -6.38
C ASN B 151 -18.84 4.57 -5.86
N SER B 152 -19.69 3.54 -5.93
CA SER B 152 -19.29 2.24 -5.42
C SER B 152 -18.23 1.59 -6.32
N PHE B 153 -18.34 1.74 -7.65
CA PHE B 153 -17.33 1.08 -8.48
C PHE B 153 -15.97 1.75 -8.39
N SER B 154 -15.92 3.01 -7.99
CA SER B 154 -14.63 3.70 -7.86
C SER B 154 -13.83 3.12 -6.70
N ARG B 155 -14.48 2.79 -5.59
CA ARG B 155 -13.79 2.05 -4.53
C ARG B 155 -13.52 0.60 -4.94
N LEU B 156 -14.38 0.00 -5.78
CA LEU B 156 -14.16 -1.39 -6.16
C LEU B 156 -12.93 -1.54 -7.03
N LEU B 157 -12.76 -0.64 -8.01
CA LEU B 157 -11.62 -0.78 -8.91
C LEU B 157 -10.31 -0.48 -8.21
N LEU B 158 -10.35 0.27 -7.12
CA LEU B 158 -9.15 0.43 -6.31
C LEU B 158 -8.85 -0.88 -5.59
N LEU B 159 -9.84 -1.43 -4.90
CA LEU B 159 -9.66 -2.72 -4.26
C LEU B 159 -9.16 -3.76 -5.25
N TYR B 160 -9.60 -3.70 -6.50
CA TYR B 160 -9.06 -4.62 -7.51
C TYR B 160 -7.60 -4.31 -7.83
N HIS B 161 -7.15 -3.09 -7.56
CA HIS B 161 -5.74 -2.78 -7.77
C HIS B 161 -4.90 -3.23 -6.58
N TYR B 162 -5.27 -2.78 -5.39
CA TYR B 162 -4.62 -3.27 -4.16
C TYR B 162 -4.44 -4.79 -4.20
N LEU B 163 -5.48 -5.52 -4.62
CA LEU B 163 -5.42 -6.98 -4.67
C LEU B 163 -4.39 -7.47 -5.67
N SER B 164 -4.35 -6.88 -6.87
CA SER B 164 -3.42 -7.34 -7.88
C SER B 164 -1.97 -7.12 -7.45
N THR B 165 -1.60 -5.87 -7.11
CA THR B 165 -0.24 -5.60 -6.66
C THR B 165 0.09 -6.44 -5.44
N GLY B 166 -0.71 -6.33 -4.39
CA GLY B 166 -0.51 -7.12 -3.18
C GLY B 166 -0.85 -6.40 -1.90
N ASN B 167 -0.90 -5.07 -1.92
CA ASN B 167 -1.06 -4.31 -0.69
C ASN B 167 -2.39 -4.59 0.00
N PHE B 168 -2.37 -5.51 0.97
CA PHE B 168 -3.59 -5.98 1.63
C PHE B 168 -4.04 -5.12 2.81
N SER B 169 -3.19 -4.23 3.31
CA SER B 169 -3.49 -3.61 4.59
C SER B 169 -4.74 -2.77 4.55
N PRO B 170 -4.87 -1.77 3.67
CA PRO B 170 -6.01 -0.85 3.76
C PRO B 170 -7.30 -1.40 3.16
N MET B 171 -7.27 -2.61 2.58
CA MET B 171 -8.43 -3.14 1.89
C MET B 171 -9.62 -3.29 2.82
N ALA B 172 -9.40 -3.82 4.03
CA ALA B 172 -10.50 -4.05 4.94
C ALA B 172 -11.17 -2.74 5.36
N GLN B 173 -10.40 -1.65 5.42
CA GLN B 173 -10.97 -0.33 5.69
C GLN B 173 -11.68 0.24 4.46
N LEU B 174 -11.06 0.12 3.28
CA LEU B 174 -11.63 0.72 2.08
C LEU B 174 -12.96 0.04 1.71
N ILE B 175 -12.99 -1.29 1.71
CA ILE B 175 -14.19 -2.03 1.32
C ILE B 175 -15.35 -1.78 2.27
N LYS B 176 -15.06 -1.44 3.53
CA LYS B 176 -16.14 -1.24 4.49
C LYS B 176 -16.89 0.07 4.24
N GLN B 177 -16.30 1.00 3.48
CA GLN B 177 -16.99 2.22 3.13
C GLN B 177 -17.95 2.03 1.96
N ILE B 178 -17.73 1.02 1.12
CA ILE B 178 -18.71 0.69 0.10
C ILE B 178 -20.06 0.49 0.78
N ASP B 179 -21.09 1.10 0.19
CA ASP B 179 -22.46 0.99 0.69
C ASP B 179 -23.38 0.78 -0.52
N LEU B 180 -23.64 -0.48 -0.82
CA LEU B 180 -24.42 -0.82 -2.01
C LEU B 180 -25.87 -0.42 -1.86
N SER B 181 -26.32 -0.20 -0.62
CA SER B 181 -27.72 0.14 -0.37
C SER B 181 -28.10 1.52 -0.90
N GLU B 182 -27.12 2.37 -1.23
CA GLU B 182 -27.36 3.65 -1.86
C GLU B 182 -27.70 3.53 -3.33
N ILE B 183 -27.43 2.38 -3.95
CA ILE B 183 -27.76 2.16 -5.36
C ILE B 183 -29.25 1.91 -5.50
N SER B 184 -29.91 2.66 -6.39
CA SER B 184 -31.35 2.51 -6.57
C SER B 184 -31.80 2.41 -8.02
N GLU B 185 -30.95 2.72 -9.00
CA GLU B 185 -31.35 2.62 -10.40
C GLU B 185 -31.16 1.25 -11.00
N ASN B 186 -30.00 0.63 -10.77
CA ASN B 186 -29.56 -0.53 -11.54
C ASN B 186 -29.36 -1.70 -10.60
N MET B 187 -30.41 -2.52 -10.44
CA MET B 187 -30.29 -3.70 -9.58
C MET B 187 -29.40 -4.77 -10.19
N TYR B 188 -29.23 -4.81 -11.50
CA TYR B 188 -28.25 -5.73 -12.06
C TYR B 188 -26.88 -5.42 -11.52
N ILE B 189 -26.50 -4.14 -11.64
CA ILE B 189 -25.19 -3.69 -11.21
C ILE B 189 -25.05 -3.86 -9.72
N ARG B 190 -26.09 -3.49 -8.96
CA ARG B 190 -26.02 -3.66 -7.52
C ARG B 190 -25.76 -5.12 -7.15
N ASN B 191 -26.53 -6.05 -7.74
CA ASN B 191 -26.38 -7.45 -7.37
C ASN B 191 -25.03 -8.02 -7.79
N THR B 192 -24.46 -7.59 -8.92
CA THR B 192 -23.11 -8.05 -9.28
C THR B 192 -22.06 -7.46 -8.36
N TYR B 193 -22.13 -6.15 -8.09
CA TYR B 193 -21.22 -5.55 -7.12
C TYR B 193 -21.32 -6.26 -5.77
N GLN B 194 -22.53 -6.72 -5.42
CA GLN B 194 -22.66 -7.50 -4.19
C GLN B 194 -21.87 -8.79 -4.28
N THR B 195 -21.92 -9.47 -5.44
CA THR B 195 -21.07 -10.62 -5.67
C THR B 195 -19.60 -10.22 -5.58
N ARG B 196 -19.26 -9.10 -6.20
CA ARG B 196 -17.88 -8.64 -6.19
C ARG B 196 -17.38 -8.44 -4.78
N VAL B 197 -18.20 -7.87 -3.91
CA VAL B 197 -17.74 -7.63 -2.54
C VAL B 197 -17.48 -8.96 -1.86
N HIS B 198 -18.40 -9.90 -2.01
CA HIS B 198 -18.22 -11.22 -1.40
C HIS B 198 -16.88 -11.84 -1.79
N VAL B 199 -16.55 -11.79 -3.09
CA VAL B 199 -15.27 -12.32 -3.55
C VAL B 199 -14.12 -11.59 -2.89
N LEU B 200 -14.14 -10.26 -2.93
CA LEU B 200 -13.10 -9.47 -2.29
C LEU B 200 -13.05 -9.75 -0.80
N MET B 201 -14.21 -9.82 -0.15
CA MET B 201 -14.20 -10.17 1.25
C MET B 201 -13.55 -11.52 1.48
N SER B 202 -13.89 -12.50 0.63
CA SER B 202 -13.28 -13.82 0.74
C SER B 202 -11.76 -13.73 0.67
N ASN B 203 -11.23 -12.98 -0.30
CA ASN B 203 -9.77 -12.93 -0.44
C ASN B 203 -9.14 -12.19 0.72
N ILE B 204 -9.80 -11.17 1.26
CA ILE B 204 -9.23 -10.44 2.39
C ILE B 204 -9.11 -11.37 3.58
N LYS B 205 -10.19 -12.09 3.92
CA LYS B 205 -10.14 -13.03 5.03
C LYS B 205 -9.08 -14.11 4.81
N LEU B 206 -8.85 -14.50 3.55
CA LEU B 206 -7.77 -15.42 3.24
C LEU B 206 -6.43 -14.90 3.76
N ASN B 207 -6.11 -13.65 3.50
CA ASN B 207 -4.81 -13.12 3.89
C ASN B 207 -4.76 -12.68 5.34
N GLU B 208 -5.90 -12.41 5.96
CA GLU B 208 -5.91 -12.28 7.40
C GLU B 208 -5.85 -13.65 8.08
N ASN B 209 -5.67 -14.73 7.31
CA ASN B 209 -5.57 -16.08 7.84
C ASN B 209 -6.86 -16.50 8.56
N SER B 210 -8.00 -15.94 8.18
CA SER B 210 -9.26 -16.37 8.78
C SER B 210 -9.98 -17.26 7.76
N LEU B 211 -9.60 -18.53 7.75
CA LEU B 211 -9.95 -19.37 6.62
C LEU B 211 -11.42 -19.76 6.64
N GLU B 212 -12.01 -19.97 7.81
CA GLU B 212 -13.42 -20.33 7.82
C GLU B 212 -14.28 -19.16 7.35
N GLU B 213 -13.87 -17.93 7.64
CA GLU B 213 -14.57 -16.78 7.09
C GLU B 213 -14.35 -16.68 5.59
N CYS B 214 -13.09 -16.80 5.15
CA CYS B 214 -12.82 -16.92 3.72
C CYS B 214 -13.81 -17.84 3.04
N ARG B 215 -13.96 -19.05 3.58
CA ARG B 215 -14.86 -19.99 2.93
C ARG B 215 -16.31 -19.54 3.02
N GLU B 216 -16.71 -18.86 4.10
CA GLU B 216 -18.08 -18.37 4.17
C GLU B 216 -18.34 -17.31 3.10
N TYR B 217 -17.43 -16.34 2.98
CA TYR B 217 -17.64 -15.28 2.00
C TYR B 217 -17.67 -15.83 0.58
N SER B 218 -16.78 -16.76 0.26
CA SER B 218 -16.87 -17.38 -1.05
C SER B 218 -18.17 -18.19 -1.21
N LYS B 219 -18.66 -18.79 -0.12
CA LYS B 219 -19.97 -19.42 -0.19
C LYS B 219 -21.03 -18.38 -0.54
N LYS B 220 -21.02 -17.25 0.17
CA LYS B 220 -21.96 -16.16 -0.11
C LYS B 220 -21.84 -15.71 -1.55
N ALA B 221 -20.61 -15.62 -2.06
CA ALA B 221 -20.40 -15.31 -3.47
C ALA B 221 -21.16 -16.28 -4.37
N LEU B 222 -20.92 -17.58 -4.18
CA LEU B 222 -21.50 -18.59 -5.05
C LEU B 222 -23.01 -18.53 -5.02
N GLU B 223 -23.57 -18.27 -3.85
CA GLU B 223 -25.01 -18.17 -3.72
C GLU B 223 -25.55 -16.89 -4.31
N SER B 224 -24.69 -15.91 -4.59
CA SER B 224 -25.13 -14.61 -5.04
C SER B 224 -25.06 -14.43 -6.56
N THR B 225 -24.62 -15.42 -7.32
CA THR B 225 -24.22 -15.18 -8.69
C THR B 225 -24.48 -16.38 -9.59
N ASN B 226 -24.63 -16.09 -10.89
CA ASN B 226 -24.64 -17.09 -11.95
C ASN B 226 -23.54 -16.85 -12.97
N ILE B 227 -22.55 -16.05 -12.60
CA ILE B 227 -21.48 -15.65 -13.50
C ILE B 227 -20.32 -16.60 -13.33
N LEU B 228 -19.92 -17.27 -14.42
CA LEU B 228 -18.91 -18.31 -14.32
C LEU B 228 -17.62 -17.79 -13.67
N ARG B 229 -17.15 -16.62 -14.13
CA ARG B 229 -15.89 -16.09 -13.60
C ARG B 229 -15.89 -16.14 -12.08
N PHE B 230 -16.91 -15.55 -11.44
CA PHE B 230 -16.95 -15.51 -9.98
C PHE B 230 -17.08 -16.90 -9.38
N GLN B 231 -17.90 -17.76 -9.99
CA GLN B 231 -18.03 -19.14 -9.51
C GLN B 231 -16.68 -19.85 -9.59
N VAL B 232 -15.98 -19.68 -10.71
CA VAL B 232 -14.68 -20.30 -10.90
C VAL B 232 -13.75 -19.99 -9.73
N PHE B 233 -13.63 -18.71 -9.39
CA PHE B 233 -12.57 -18.32 -8.48
C PHE B 233 -12.97 -18.48 -7.04
N SER B 234 -14.28 -18.56 -6.76
CA SER B 234 -14.72 -18.93 -5.42
C SER B 234 -14.33 -20.36 -5.10
N TYR B 235 -14.47 -21.25 -6.08
CA TYR B 235 -14.01 -22.62 -5.86
C TYR B 235 -12.49 -22.68 -5.77
N LEU B 236 -11.78 -21.98 -6.66
CA LEU B 236 -10.34 -21.86 -6.52
C LEU B 236 -9.98 -21.40 -5.12
N THR B 237 -10.55 -20.26 -4.71
CA THR B 237 -10.24 -19.71 -3.39
C THR B 237 -10.53 -20.71 -2.28
N ILE B 238 -11.72 -21.30 -2.28
CA ILE B 238 -12.07 -22.27 -1.26
C ILE B 238 -11.03 -23.39 -1.20
N GLY B 239 -10.65 -23.92 -2.35
CA GLY B 239 -9.74 -25.05 -2.36
C GLY B 239 -8.37 -24.69 -1.83
N ASN B 240 -7.85 -23.54 -2.25
CA ASN B 240 -6.57 -23.04 -1.75
C ASN B 240 -6.62 -22.85 -0.24
N SER B 241 -7.72 -22.31 0.28
CA SER B 241 -7.89 -22.22 1.71
C SER B 241 -7.87 -23.59 2.37
N LEU B 242 -8.04 -24.66 1.61
CA LEU B 242 -7.99 -26.01 2.16
C LEU B 242 -6.83 -26.84 1.64
N LEU B 243 -6.04 -26.31 0.69
CA LEU B 243 -5.02 -27.08 -0.01
C LEU B 243 -4.04 -27.78 0.93
N PHE B 244 -3.61 -27.12 1.98
CA PHE B 244 -2.59 -27.74 2.80
C PHE B 244 -3.13 -28.41 4.07
N SER B 245 -4.45 -28.54 4.21
CA SER B 245 -4.99 -28.99 5.48
C SER B 245 -5.95 -30.16 5.32
N ASN B 246 -6.74 -30.12 4.25
CA ASN B 246 -7.85 -31.05 4.05
C ASN B 246 -7.78 -31.48 2.59
N TYR B 247 -7.19 -32.65 2.33
CA TYR B 247 -7.00 -33.08 0.96
C TYR B 247 -8.31 -33.36 0.27
N GLU B 248 -9.18 -34.16 0.92
CA GLU B 248 -10.38 -34.60 0.22
C GLU B 248 -11.34 -33.42 -0.02
N LEU B 249 -11.40 -32.45 0.91
CA LEU B 249 -12.29 -31.30 0.69
C LEU B 249 -11.71 -30.31 -0.30
N ALA B 250 -10.39 -30.25 -0.43
CA ALA B 250 -9.83 -29.36 -1.44
C ALA B 250 -10.03 -29.95 -2.82
N GLN B 251 -9.83 -31.26 -2.93
CA GLN B 251 -10.06 -31.93 -4.21
C GLN B 251 -11.53 -31.86 -4.58
N GLU B 252 -12.40 -31.98 -3.59
CA GLU B 252 -13.82 -31.85 -3.89
C GLU B 252 -14.10 -30.47 -4.49
N ASN B 253 -13.56 -29.41 -3.89
CA ASN B 253 -13.83 -28.08 -4.43
C ASN B 253 -13.17 -27.87 -5.80
N PHE B 254 -11.96 -28.41 -6.03
CA PHE B 254 -11.32 -28.20 -7.32
C PHE B 254 -12.04 -28.94 -8.43
N LEU B 255 -12.55 -30.15 -8.12
CA LEU B 255 -13.29 -30.92 -9.11
C LEU B 255 -14.60 -30.21 -9.50
N LYS B 256 -15.23 -29.54 -8.54
CA LYS B 256 -16.46 -28.80 -8.84
C LYS B 256 -16.18 -27.62 -9.75
N GLY B 257 -15.05 -26.95 -9.52
CA GLY B 257 -14.61 -25.94 -10.47
C GLY B 257 -14.28 -26.52 -11.83
N LEU B 258 -13.62 -27.68 -11.86
CA LEU B 258 -13.32 -28.36 -13.12
C LEU B 258 -14.59 -28.66 -13.89
N SER B 259 -15.62 -29.17 -13.21
CA SER B 259 -16.83 -29.61 -13.90
C SER B 259 -17.55 -28.45 -14.57
N ILE B 260 -17.63 -27.30 -13.90
CA ILE B 260 -18.34 -26.18 -14.49
C ILE B 260 -17.51 -25.43 -15.53
N SER B 261 -16.30 -25.91 -15.84
CA SER B 261 -15.45 -25.18 -16.77
C SER B 261 -14.97 -26.05 -17.93
N VAL B 262 -15.61 -27.19 -18.15
CA VAL B 262 -15.24 -28.08 -19.25
C VAL B 262 -15.10 -27.35 -20.58
N GLN B 263 -15.97 -26.38 -20.84
CA GLN B 263 -16.03 -25.72 -22.14
C GLN B 263 -15.18 -24.45 -22.21
N ASN B 264 -14.58 -24.01 -21.11
CA ASN B 264 -13.74 -22.80 -21.06
C ASN B 264 -12.28 -23.22 -20.90
N GLU B 265 -11.49 -23.04 -21.96
CA GLU B 265 -10.13 -23.56 -21.98
C GLU B 265 -9.31 -23.02 -20.80
N ASN B 266 -9.33 -21.70 -20.57
CA ASN B 266 -8.52 -21.14 -19.50
C ASN B 266 -8.96 -21.67 -18.14
N TYR B 267 -10.27 -21.72 -17.90
CA TYR B 267 -10.73 -22.07 -16.56
C TYR B 267 -10.54 -23.55 -16.29
N ASN B 268 -10.81 -24.42 -17.27
CA ASN B 268 -10.54 -25.84 -17.08
C ASN B 268 -9.06 -26.10 -16.76
N MET B 269 -8.16 -25.40 -17.46
N MET B 269 -8.14 -25.41 -17.45
CA MET B 269 -6.73 -25.57 -17.22
CA MET B 269 -6.73 -25.64 -17.18
C MET B 269 -6.36 -25.21 -15.79
C MET B 269 -6.35 -25.21 -15.77
N ILE B 270 -6.94 -24.12 -15.26
CA ILE B 270 -6.67 -23.69 -13.90
C ILE B 270 -6.94 -24.80 -12.90
N PHE B 271 -8.12 -25.42 -13.00
CA PHE B 271 -8.44 -26.51 -12.09
C PHE B 271 -7.60 -27.75 -12.37
N GLN B 272 -7.22 -27.99 -13.63
CA GLN B 272 -6.29 -29.08 -13.92
C GLN B 272 -4.98 -28.91 -13.16
N GLN B 273 -4.39 -27.71 -13.24
CA GLN B 273 -3.13 -27.48 -12.55
C GLN B 273 -3.30 -27.60 -11.06
N ALA B 274 -4.44 -27.14 -10.54
CA ALA B 274 -4.64 -27.09 -9.11
C ALA B 274 -4.78 -28.49 -8.56
N LEU B 275 -5.60 -29.30 -9.22
CA LEU B 275 -5.69 -30.71 -8.85
C LEU B 275 -4.34 -31.40 -8.92
N CYS B 276 -3.61 -31.18 -10.02
CA CYS B 276 -2.28 -31.77 -10.12
C CYS B 276 -1.41 -31.35 -8.94
N PHE B 277 -1.36 -30.05 -8.65
CA PHE B 277 -0.51 -29.59 -7.57
C PHE B 277 -1.04 -30.08 -6.22
N LEU B 278 -2.35 -30.02 -6.03
CA LEU B 278 -2.93 -30.61 -4.82
C LEU B 278 -2.40 -32.03 -4.63
N ASN B 279 -2.62 -32.89 -5.60
CA ASN B 279 -2.28 -34.28 -5.43
C ASN B 279 -0.79 -34.52 -5.27
N ASN B 280 0.04 -33.60 -5.77
CA ASN B 280 1.45 -33.73 -5.51
C ASN B 280 1.78 -33.37 -4.07
N VAL B 281 1.15 -32.34 -3.54
CA VAL B 281 1.43 -31.92 -2.17
C VAL B 281 1.15 -33.05 -1.20
N TRP B 282 0.09 -33.80 -1.46
CA TRP B 282 -0.31 -34.89 -0.60
C TRP B 282 0.28 -36.21 -1.04
N ARG B 283 1.23 -36.20 -1.98
CA ARG B 283 2.03 -37.38 -2.25
C ARG B 283 1.14 -38.53 -2.73
N LYS B 284 0.14 -38.20 -3.53
CA LYS B 284 -0.82 -39.18 -4.03
C LYS B 284 -0.46 -39.56 -5.46
N GLU B 285 -0.95 -40.72 -5.88
CA GLU B 285 -0.91 -41.03 -7.31
C GLU B 285 -1.70 -39.97 -8.06
N ASN B 286 -1.10 -39.43 -9.11
CA ASN B 286 -1.49 -38.13 -9.65
C ASN B 286 -1.98 -38.26 -11.09
N LYS B 287 -3.30 -38.41 -11.28
CA LYS B 287 -3.84 -38.54 -12.64
C LYS B 287 -3.78 -37.24 -13.44
N TRP B 288 -3.34 -36.13 -12.85
CA TRP B 288 -3.55 -34.82 -13.48
C TRP B 288 -2.30 -34.26 -14.11
N ILE B 289 -1.23 -35.04 -14.14
CA ILE B 289 0.01 -34.48 -14.61
C ILE B 289 -0.02 -34.52 -16.12
N ASN B 290 0.58 -33.49 -16.72
CA ASN B 290 0.51 -33.22 -18.16
C ASN B 290 1.88 -33.53 -18.74
N PHE B 291 1.99 -34.70 -19.39
CA PHE B 291 3.28 -35.11 -19.94
C PHE B 291 3.58 -34.50 -21.32
N GLU B 292 2.57 -33.91 -21.96
CA GLU B 292 2.70 -33.27 -23.27
C GLU B 292 2.85 -31.74 -23.18
N SER B 293 3.51 -31.22 -22.15
CA SER B 293 3.71 -29.78 -22.05
C SER B 293 5.12 -29.47 -21.58
N ASP B 294 5.70 -28.42 -22.15
CA ASP B 294 7.03 -27.97 -21.81
C ASP B 294 6.99 -26.55 -21.23
N SER B 295 5.91 -26.24 -20.53
CA SER B 295 5.90 -25.04 -19.71
C SER B 295 6.62 -25.32 -18.39
N ILE B 296 6.96 -24.26 -17.66
CA ILE B 296 7.71 -24.46 -16.43
C ILE B 296 6.84 -25.18 -15.40
N MET B 297 5.65 -24.65 -15.17
CA MET B 297 4.74 -25.22 -14.18
C MET B 297 4.48 -26.71 -14.44
N ASP B 298 4.07 -27.07 -15.65
CA ASP B 298 3.81 -28.48 -15.93
C ASP B 298 5.07 -29.30 -15.70
N LEU B 299 6.20 -28.84 -16.22
CA LEU B 299 7.45 -29.59 -16.03
C LEU B 299 7.77 -29.73 -14.55
N GLN B 300 7.59 -28.66 -13.77
CA GLN B 300 7.89 -28.71 -12.34
C GLN B 300 7.06 -29.78 -11.65
N GLU B 301 5.81 -29.92 -12.07
CA GLU B 301 4.94 -30.85 -11.38
C GLU B 301 5.27 -32.29 -11.73
N GLN B 302 5.95 -32.51 -12.85
CA GLN B 302 6.48 -33.84 -13.16
C GLN B 302 7.58 -34.23 -12.16
N ALA B 303 8.58 -33.35 -12.02
CA ALA B 303 9.60 -33.55 -11.01
C ALA B 303 8.98 -33.84 -9.65
N HIS B 304 7.87 -33.19 -9.34
CA HIS B 304 7.19 -33.47 -8.09
C HIS B 304 6.62 -34.90 -8.06
N CYS B 305 5.83 -35.33 -9.09
CA CYS B 305 5.38 -36.74 -9.15
C CYS B 305 6.58 -37.65 -8.91
N PHE B 306 7.67 -37.39 -9.64
CA PHE B 306 8.80 -38.31 -9.62
C PHE B 306 9.47 -38.35 -8.25
N ILE B 307 9.89 -37.19 -7.74
CA ILE B 307 10.53 -37.12 -6.43
C ILE B 307 9.64 -37.73 -5.38
N ASN B 308 8.31 -37.59 -5.53
CA ASN B 308 7.37 -38.19 -4.59
C ASN B 308 7.45 -39.69 -4.58
N PHE B 309 7.79 -40.30 -5.71
CA PHE B 309 7.71 -41.75 -5.87
C PHE B 309 9.08 -42.39 -6.05
N ASN B 310 10.16 -41.67 -5.72
CA ASN B 310 11.52 -42.21 -5.68
C ASN B 310 12.00 -42.57 -7.08
N GLU B 311 11.54 -41.80 -8.06
CA GLU B 311 12.01 -41.84 -9.44
C GLU B 311 13.05 -40.75 -9.63
N ASN B 312 14.16 -40.89 -8.90
CA ASN B 312 15.11 -39.80 -8.78
C ASN B 312 15.81 -39.51 -10.09
N SER B 313 16.19 -40.56 -10.83
CA SER B 313 16.78 -40.35 -12.14
C SER B 313 15.84 -39.54 -13.04
N LYS B 314 14.56 -39.96 -13.09
CA LYS B 314 13.59 -39.34 -13.99
C LYS B 314 13.28 -37.90 -13.59
N ALA B 315 13.37 -37.58 -12.31
CA ALA B 315 13.20 -36.18 -11.91
C ALA B 315 14.42 -35.34 -12.29
N LYS B 316 15.59 -35.97 -12.38
CA LYS B 316 16.79 -35.25 -12.80
C LYS B 316 16.67 -34.81 -14.25
N GLU B 317 16.13 -35.69 -15.11
CA GLU B 317 15.92 -35.34 -16.52
C GLU B 317 15.08 -34.09 -16.65
N VAL B 318 14.04 -33.95 -15.83
CA VAL B 318 13.15 -32.81 -15.96
C VAL B 318 13.81 -31.54 -15.46
N LEU B 319 14.51 -31.62 -14.32
CA LEU B 319 15.19 -30.42 -13.82
C LEU B 319 16.30 -29.99 -14.77
N ASP B 320 16.92 -30.94 -15.48
CA ASP B 320 17.92 -30.58 -16.49
C ASP B 320 17.28 -29.78 -17.61
N LYS B 321 16.08 -30.21 -18.08
CA LYS B 321 15.30 -29.40 -19.01
C LYS B 321 15.00 -28.03 -18.42
N LEU B 322 14.55 -28.01 -17.17
CA LEU B 322 14.21 -26.75 -16.51
C LEU B 322 15.39 -25.82 -16.43
N ASP B 323 16.60 -26.37 -16.22
CA ASP B 323 17.81 -25.57 -16.04
C ASP B 323 18.06 -24.61 -17.19
N LEU B 324 17.49 -24.89 -18.37
CA LEU B 324 17.71 -24.15 -19.59
C LEU B 324 16.69 -23.04 -19.82
N LEU B 325 15.77 -22.82 -18.90
CA LEU B 325 14.60 -22.01 -19.19
C LEU B 325 14.61 -20.74 -18.38
N VAL B 326 13.81 -19.78 -18.83
CA VAL B 326 13.73 -18.45 -18.24
C VAL B 326 12.88 -18.49 -16.99
N HIS B 327 13.52 -18.61 -15.82
CA HIS B 327 12.81 -18.65 -14.55
C HIS B 327 12.71 -17.24 -13.95
N ASN B 328 11.53 -16.89 -13.45
CA ASN B 328 11.38 -15.65 -12.70
C ASN B 328 11.57 -15.96 -11.20
N ASP B 329 11.32 -14.97 -10.34
CA ASP B 329 11.61 -15.14 -8.92
C ASP B 329 10.80 -16.29 -8.32
N ASN B 330 9.48 -16.29 -8.53
CA ASN B 330 8.66 -17.33 -7.93
C ASN B 330 8.90 -18.70 -8.54
N GLU B 331 9.21 -18.76 -9.84
CA GLU B 331 9.46 -20.07 -10.47
C GLU B 331 10.78 -20.66 -9.99
N LEU B 332 11.80 -19.81 -9.77
CA LEU B 332 13.07 -20.32 -9.22
C LEU B 332 12.87 -20.90 -7.82
N ALA B 333 11.99 -20.28 -7.02
CA ALA B 333 11.73 -20.76 -5.67
C ALA B 333 11.24 -22.20 -5.69
N MET B 334 10.35 -22.53 -6.64
CA MET B 334 9.91 -23.90 -6.81
C MET B 334 11.06 -24.79 -7.25
N HIS B 335 11.84 -24.32 -8.23
CA HIS B 335 13.04 -25.03 -8.68
C HIS B 335 13.87 -25.44 -7.48
N TYR B 336 14.27 -24.45 -6.66
CA TYR B 336 15.11 -24.71 -5.49
C TYR B 336 14.45 -25.71 -4.55
N TYR B 337 13.16 -25.54 -4.28
CA TYR B 337 12.43 -26.50 -3.46
C TYR B 337 12.50 -27.89 -4.04
N LEU B 338 12.38 -28.02 -5.37
CA LEU B 338 12.50 -29.33 -5.98
C LEU B 338 13.93 -29.84 -5.86
N LYS B 339 14.91 -29.04 -6.30
CA LYS B 339 16.32 -29.42 -6.19
C LYS B 339 16.66 -29.82 -4.77
N GLY B 340 16.07 -29.12 -3.81
CA GLY B 340 16.27 -29.47 -2.42
C GLY B 340 15.83 -30.89 -2.10
N ARG B 341 14.62 -31.25 -2.51
CA ARG B 341 14.14 -32.59 -2.20
C ARG B 341 14.92 -33.68 -2.96
N LEU B 342 15.40 -33.35 -4.16
CA LEU B 342 16.13 -34.33 -4.96
C LEU B 342 17.51 -34.60 -4.36
N GLU B 343 18.24 -33.55 -4.03
CA GLU B 343 19.58 -33.67 -3.46
C GLU B 343 19.57 -33.66 -1.94
N GLN B 344 18.39 -33.70 -1.33
CA GLN B 344 18.22 -33.63 0.14
C GLN B 344 19.14 -32.58 0.77
N ASN B 345 19.21 -31.40 0.15
CA ASN B 345 20.24 -30.42 0.48
C ASN B 345 19.61 -29.14 1.04
N LYS B 346 19.69 -28.98 2.36
CA LYS B 346 19.12 -27.81 3.05
C LYS B 346 19.41 -26.49 2.34
N ALA B 347 20.56 -26.36 1.69
CA ALA B 347 20.92 -25.06 1.12
C ALA B 347 19.97 -24.65 0.00
N CYS B 348 19.50 -25.60 -0.79
CA CYS B 348 18.47 -25.28 -1.78
C CYS B 348 17.21 -24.77 -1.08
N PHE B 349 16.76 -25.50 -0.06
CA PHE B 349 15.58 -25.11 0.70
C PHE B 349 15.69 -23.70 1.22
N TYR B 350 16.88 -23.30 1.65
CA TYR B 350 17.08 -21.92 2.08
C TYR B 350 16.89 -20.95 0.92
N SER B 351 17.52 -21.24 -0.23
CA SER B 351 17.33 -20.38 -1.40
C SER B 351 15.86 -20.36 -1.81
N SER B 352 15.19 -21.49 -1.66
CA SER B 352 13.76 -21.58 -1.95
C SER B 352 12.98 -20.55 -1.14
N ILE B 353 13.07 -20.65 0.19
CA ILE B 353 12.45 -19.65 1.05
C ILE B 353 12.82 -18.24 0.60
N GLU B 354 14.10 -18.04 0.27
CA GLU B 354 14.59 -16.72 -0.09
C GLU B 354 13.83 -16.14 -1.29
N TYR B 355 13.69 -16.94 -2.36
CA TYR B 355 13.02 -16.44 -3.55
C TYR B 355 11.50 -16.44 -3.43
N PHE B 356 10.94 -17.20 -2.48
CA PHE B 356 9.52 -17.02 -2.18
C PHE B 356 9.30 -15.71 -1.47
N LYS B 357 10.20 -15.35 -0.55
CA LYS B 357 10.15 -14.03 0.09
C LYS B 357 10.25 -12.92 -0.95
N LYS B 358 11.21 -13.04 -1.88
CA LYS B 358 11.44 -12.00 -2.87
C LYS B 358 10.21 -11.78 -3.72
N SER B 359 9.55 -12.88 -4.14
CA SER B 359 8.29 -12.85 -4.87
C SER B 359 7.09 -12.77 -3.96
N ASN B 360 7.31 -12.46 -2.68
CA ASN B 360 6.25 -12.17 -1.71
C ASN B 360 5.13 -13.22 -1.76
N ASP B 361 5.51 -14.47 -1.50
CA ASP B 361 4.60 -15.60 -1.56
C ASP B 361 4.46 -16.19 -0.16
N LYS B 362 3.31 -15.96 0.46
CA LYS B 362 2.99 -16.53 1.76
C LYS B 362 2.26 -17.86 1.65
N PHE B 363 2.25 -18.50 0.47
CA PHE B 363 1.45 -19.69 0.27
C PHE B 363 2.32 -20.90 -0.08
N LEU B 364 2.90 -20.96 -1.27
CA LEU B 364 3.79 -22.05 -1.64
C LEU B 364 5.03 -22.14 -0.75
N ILE B 365 5.29 -21.10 0.06
CA ILE B 365 6.42 -21.11 0.96
C ILE B 365 6.31 -22.22 2.00
N ARG B 366 5.13 -22.82 2.20
CA ARG B 366 5.01 -23.97 3.07
C ARG B 366 5.84 -25.16 2.59
N LEU B 367 6.07 -25.26 1.28
CA LEU B 367 6.80 -26.43 0.77
C LEU B 367 8.22 -26.50 1.33
N PRO B 368 9.09 -25.50 1.13
CA PRO B 368 10.43 -25.60 1.73
C PRO B 368 10.38 -25.75 3.24
N LEU B 369 9.41 -25.12 3.89
CA LEU B 369 9.38 -25.12 5.36
C LEU B 369 9.06 -26.51 5.89
N LEU B 370 8.02 -27.14 5.35
CA LEU B 370 7.70 -28.49 5.79
C LEU B 370 8.92 -29.41 5.62
N GLU B 371 9.59 -29.33 4.47
CA GLU B 371 10.75 -30.17 4.25
C GLU B 371 11.82 -29.95 5.32
N LEU B 372 12.07 -28.68 5.70
CA LEU B 372 13.06 -28.43 6.74
C LEU B 372 12.62 -28.98 8.08
N GLN B 373 11.32 -28.94 8.35
CA GLN B 373 10.83 -29.51 9.59
C GLN B 373 11.07 -31.01 9.66
N LYS B 374 10.96 -31.71 8.53
CA LYS B 374 11.22 -33.13 8.53
C LYS B 374 12.71 -33.44 8.64
N MET B 375 13.58 -32.41 8.62
CA MET B 375 15.02 -32.57 8.73
C MET B 375 15.59 -31.92 9.99
N GLY B 376 14.81 -31.88 11.08
CA GLY B 376 15.36 -31.53 12.38
C GLY B 376 15.48 -30.05 12.70
N GLU B 377 15.00 -29.17 11.83
CA GLU B 377 15.10 -27.73 12.08
C GLU B 377 14.05 -27.26 13.09
N ASN B 378 14.22 -26.04 13.57
CA ASN B 378 13.49 -25.53 14.72
C ASN B 378 12.10 -25.08 14.29
N GLN B 379 11.11 -25.95 14.51
CA GLN B 379 9.76 -25.68 14.03
C GLN B 379 9.27 -24.29 14.45
N LYS B 380 9.67 -23.83 15.64
CA LYS B 380 9.19 -22.53 16.10
C LYS B 380 9.64 -21.42 15.14
N LEU B 381 10.86 -21.54 14.59
CA LEU B 381 11.34 -20.56 13.63
C LEU B 381 10.70 -20.78 12.27
N LEU B 382 10.59 -22.03 11.85
CA LEU B 382 9.92 -22.31 10.59
C LEU B 382 8.55 -21.63 10.55
N GLU B 383 7.81 -21.66 11.65
CA GLU B 383 6.51 -20.99 11.72
C GLU B 383 6.64 -19.49 11.45
N LEU B 384 7.71 -18.85 11.96
CA LEU B 384 7.88 -17.40 11.86
C LEU B 384 8.22 -16.94 10.45
N LEU B 385 8.74 -17.82 9.60
CA LEU B 385 8.96 -17.45 8.22
C LEU B 385 7.64 -17.39 7.45
N LEU B 386 6.73 -18.30 7.76
CA LEU B 386 5.36 -18.29 7.26
C LEU B 386 4.57 -17.40 8.20
N LEU B 387 4.72 -16.10 8.02
CA LEU B 387 4.24 -15.10 8.98
C LEU B 387 2.72 -14.99 8.87
N LEU B 388 2.04 -15.90 9.57
CA LEU B 388 0.58 -15.95 9.61
C LEU B 388 0.06 -15.09 10.75
N GLU B 389 -1.05 -14.38 10.48
CA GLU B 389 -1.73 -13.64 11.52
C GLU B 389 -2.19 -14.60 12.62
N HIS B 390 -2.01 -14.17 13.88
CA HIS B 390 -2.18 -15.04 15.04
C HIS B 390 -3.39 -14.73 15.92
N HIS B 391 -3.94 -13.50 15.84
CA HIS B 391 -5.19 -13.10 16.51
C HIS B 391 -5.09 -13.08 18.05
N HIS B 392 -4.10 -12.34 18.58
CA HIS B 392 -3.87 -12.36 20.04
C HIS B 392 -4.87 -11.47 20.79
N HIS B 393 -4.87 -11.60 22.12
CA HIS B 393 -5.74 -10.80 23.00
C HIS B 393 -4.88 -9.79 23.79
#